data_4RV7
#
_entry.id   4RV7
#
_cell.length_a   130.680
_cell.length_b   130.680
_cell.length_c   178.150
_cell.angle_alpha   90.000
_cell.angle_beta   90.000
_cell.angle_gamma   90.000
#
_symmetry.space_group_name_H-M   'P 43 21 2'
#
loop_
_entity.id
_entity.type
_entity.pdbx_description
1 polymer 'Diadenylate cyclase'
2 non-polymer "ADENOSINE-5'-TRIPHOSPHATE"
3 non-polymer 'MAGNESIUM ION'
4 non-polymer HEXANE-1,6-DIOL
5 water water
#
_entity_poly.entity_id   1
_entity_poly.type   'polypeptide(L)'
_entity_poly.pdbx_seq_one_letter_code
;WSHPQFEKGAETAVPNSSSYGSRIEREQHHLIESIEKSTQYMAKRRIGALISVARDTGMDDYIETGIPLNAKISSQLLIN
IFIPNTPLHDGAVIIKGNEIASAASYLPLSDSPFLSKELGTRHRAALGISEVTDSITIVVSEETGGISLTKGGELFRDVS
EEELHKILLKELVTVTAKKPSIFSKWKGGKSE
;
_entity_poly.pdbx_strand_id   A,B,C,D
#
loop_
_chem_comp.id
_chem_comp.type
_chem_comp.name
_chem_comp.formula
ATP non-polymer ADENOSINE-5'-TRIPHOSPHATE 'C10 H16 N5 O13 P3'
HEZ non-polymer HEXANE-1,6-DIOL 'C6 H14 O2'
MG non-polymer 'MAGNESIUM ION' 'Mg 2'
#
# COMPACT_ATOMS: atom_id res chain seq x y z
N SER A 18 -16.38 18.32 12.26
CA SER A 18 -16.46 17.37 13.37
C SER A 18 -15.15 16.62 13.54
N SER A 19 -15.23 15.46 14.18
CA SER A 19 -14.12 14.50 14.18
C SER A 19 -14.17 13.78 12.84
N TYR A 20 -15.28 14.00 12.14
CA TYR A 20 -15.43 13.55 10.77
C TYR A 20 -14.70 14.51 9.84
N GLY A 21 -14.86 15.80 10.10
CA GLY A 21 -14.23 16.85 9.31
C GLY A 21 -12.70 16.82 9.34
N SER A 22 -12.12 16.79 10.54
CA SER A 22 -10.68 16.67 10.69
C SER A 22 -10.17 15.40 10.02
N ARG A 23 -10.90 14.30 10.23
CA ARG A 23 -10.54 13.01 9.64
C ARG A 23 -10.48 13.11 8.12
N ILE A 24 -11.51 13.70 7.53
CA ILE A 24 -11.54 13.92 6.09
C ILE A 24 -10.36 14.81 5.67
N GLU A 25 -10.08 15.83 6.47
CA GLU A 25 -8.98 16.75 6.19
C GLU A 25 -7.64 16.03 6.23
N ARG A 26 -7.49 15.10 7.18
CA ARG A 26 -6.29 14.28 7.28
C ARG A 26 -6.13 13.38 6.07
N GLU A 27 -7.23 12.77 5.65
CA GLU A 27 -7.23 11.90 4.48
C GLU A 27 -6.83 12.69 3.23
N GLN A 28 -7.38 13.89 3.10
CA GLN A 28 -7.12 14.72 1.94
C GLN A 28 -5.66 15.18 1.87
N HIS A 29 -5.06 15.50 3.01
CA HIS A 29 -3.65 15.88 3.04
C HIS A 29 -2.75 14.69 2.74
N HIS A 30 -3.14 13.51 3.20
CA HIS A 30 -2.41 12.28 2.90
C HIS A 30 -2.45 12.01 1.40
N LEU A 31 -3.59 12.30 0.80
CA LEU A 31 -3.79 12.13 -0.63
C LEU A 31 -2.84 13.02 -1.41
N ILE A 32 -2.87 14.31 -1.09
CA ILE A 32 -2.00 15.31 -1.70
C ILE A 32 -0.53 14.89 -1.57
N GLU A 33 -0.17 14.45 -0.36
CA GLU A 33 1.20 14.05 -0.05
C GLU A 33 1.64 12.88 -0.91
N SER A 34 0.77 11.87 -1.01
CA SER A 34 1.06 10.66 -1.79
C SER A 34 1.27 10.97 -3.26
N ILE A 35 0.38 11.78 -3.83
CA ILE A 35 0.49 12.19 -5.23
C ILE A 35 1.80 12.92 -5.47
N GLU A 36 2.11 13.90 -4.63
CA GLU A 36 3.34 14.67 -4.74
C GLU A 36 4.59 13.80 -4.70
N LYS A 37 4.67 12.95 -3.69
CA LYS A 37 5.86 12.10 -3.51
C LYS A 37 6.03 11.09 -4.64
N SER A 38 4.94 10.39 -4.95
CA SER A 38 4.95 9.41 -6.03
C SER A 38 5.36 10.07 -7.34
N THR A 39 4.76 11.21 -7.66
CA THR A 39 5.07 11.93 -8.88
C THR A 39 6.48 12.49 -8.91
N GLN A 40 7.03 12.82 -7.74
CA GLN A 40 8.40 13.31 -7.67
C GLN A 40 9.36 12.19 -8.01
N TYR A 41 9.16 11.05 -7.34
CA TYR A 41 9.97 9.87 -7.61
C TYR A 41 9.90 9.48 -9.09
N MET A 42 8.68 9.39 -9.61
CA MET A 42 8.48 8.98 -11.00
C MET A 42 9.05 10.00 -11.98
N ALA A 43 9.03 11.27 -11.60
CA ALA A 43 9.61 12.33 -12.41
C ALA A 43 11.11 12.11 -12.54
N LYS A 44 11.76 11.82 -11.41
CA LYS A 44 13.20 11.54 -11.43
C LYS A 44 13.56 10.36 -12.32
N ARG A 45 12.76 9.30 -12.23
CA ARG A 45 13.05 8.04 -12.89
C ARG A 45 12.45 7.98 -14.29
N ARG A 46 11.75 9.04 -14.68
CA ARG A 46 11.10 9.12 -15.99
C ARG A 46 10.13 7.97 -16.16
N ILE A 47 9.29 7.77 -15.15
CA ILE A 47 8.22 6.79 -15.23
C ILE A 47 6.96 7.54 -15.59
N GLY A 48 6.40 7.24 -16.77
CA GLY A 48 5.18 7.87 -17.22
C GLY A 48 4.05 7.61 -16.23
N ALA A 49 3.28 8.65 -15.94
CA ALA A 49 2.18 8.49 -14.98
C ALA A 49 0.97 9.33 -15.36
N LEU A 50 -0.21 8.81 -15.01
CA LEU A 50 -1.47 9.47 -15.30
C LEU A 50 -2.44 9.21 -14.14
N ILE A 51 -2.62 10.22 -13.30
CA ILE A 51 -3.41 10.07 -12.09
C ILE A 51 -4.56 11.07 -12.07
N SER A 52 -5.80 10.57 -12.18
CA SER A 52 -6.94 11.46 -12.13
C SER A 52 -7.67 11.34 -10.79
N VAL A 53 -7.94 12.49 -10.16
CA VAL A 53 -8.61 12.52 -8.87
C VAL A 53 -10.04 13.02 -9.02
N ALA A 54 -11.00 12.14 -8.76
CA ALA A 54 -12.41 12.46 -8.91
C ALA A 54 -12.87 13.51 -7.91
N ARG A 55 -13.72 14.43 -8.37
CA ARG A 55 -14.34 15.44 -7.51
C ARG A 55 -15.83 15.48 -7.79
N ASP A 56 -16.33 14.45 -8.45
CA ASP A 56 -17.74 14.33 -8.81
C ASP A 56 -18.07 12.90 -9.19
N THR A 57 -19.23 12.71 -9.82
CA THR A 57 -19.69 11.37 -10.20
C THR A 57 -19.49 11.09 -11.68
N GLY A 58 -18.51 11.74 -12.26
CA GLY A 58 -18.26 11.61 -13.69
C GLY A 58 -17.35 10.44 -13.96
N MET A 59 -16.37 10.27 -13.08
CA MET A 59 -15.30 9.33 -13.28
C MET A 59 -15.77 7.88 -13.17
N ASP A 60 -17.01 7.70 -12.68
CA ASP A 60 -17.58 6.38 -12.46
C ASP A 60 -17.53 5.49 -13.71
N ASP A 61 -17.89 6.06 -14.86
CA ASP A 61 -17.86 5.34 -16.12
C ASP A 61 -16.43 4.91 -16.49
N TYR A 62 -15.47 5.77 -16.18
CA TYR A 62 -14.08 5.55 -16.56
C TYR A 62 -13.37 4.59 -15.60
N ILE A 63 -13.83 4.58 -14.35
CA ILE A 63 -13.31 3.66 -13.36
C ILE A 63 -13.53 2.21 -13.79
N GLU A 64 -14.70 1.96 -14.38
CA GLU A 64 -15.08 0.61 -14.78
C GLU A 64 -14.26 0.05 -15.95
N THR A 65 -13.63 0.94 -16.72
CA THR A 65 -12.80 0.52 -17.83
C THR A 65 -11.45 0.02 -17.32
N GLY A 66 -11.13 0.38 -16.09
CA GLY A 66 -9.84 0.03 -15.52
C GLY A 66 -9.87 -1.25 -14.71
N ILE A 67 -8.70 -1.64 -14.23
CA ILE A 67 -8.57 -2.79 -13.34
C ILE A 67 -8.92 -2.35 -11.93
N PRO A 68 -9.93 -3.01 -11.33
CA PRO A 68 -10.39 -2.61 -9.99
C PRO A 68 -9.35 -2.89 -8.92
N LEU A 69 -9.05 -1.90 -8.10
CA LEU A 69 -8.13 -2.07 -6.99
C LEU A 69 -8.83 -1.81 -5.68
N ASN A 70 -9.53 -0.68 -5.61
CA ASN A 70 -10.20 -0.25 -4.38
C ASN A 70 -9.23 -0.30 -3.21
N ALA A 71 -8.02 0.20 -3.46
CA ALA A 71 -6.93 0.07 -2.50
C ALA A 71 -6.70 1.38 -1.78
N LYS A 72 -5.95 1.31 -0.68
CA LYS A 72 -5.60 2.49 0.09
C LYS A 72 -4.55 3.31 -0.64
N ILE A 73 -4.69 4.63 -0.55
CA ILE A 73 -3.75 5.54 -1.19
C ILE A 73 -2.40 5.52 -0.48
N SER A 74 -1.36 5.23 -1.25
CA SER A 74 0.01 5.28 -0.74
C SER A 74 0.92 5.64 -1.92
N SER A 75 2.08 6.22 -1.63
CA SER A 75 3.01 6.59 -2.68
C SER A 75 3.60 5.35 -3.33
N GLN A 76 3.91 4.34 -2.50
CA GLN A 76 4.50 3.11 -2.99
C GLN A 76 3.59 2.41 -3.97
N LEU A 77 2.28 2.43 -3.70
CA LEU A 77 1.32 1.78 -4.57
C LEU A 77 1.26 2.47 -5.92
N LEU A 78 1.14 3.79 -5.91
CA LEU A 78 1.14 4.58 -7.15
C LEU A 78 2.37 4.29 -8.01
N ILE A 79 3.54 4.48 -7.38
CA ILE A 79 4.81 4.24 -8.06
C ILE A 79 4.86 2.84 -8.65
N ASN A 80 4.47 1.84 -7.87
CA ASN A 80 4.45 0.46 -8.36
C ASN A 80 3.44 0.23 -9.50
N ILE A 81 2.33 0.94 -9.44
CA ILE A 81 1.29 0.86 -10.46
C ILE A 81 1.88 1.26 -11.78
N PHE A 82 2.64 2.35 -11.79
CA PHE A 82 3.15 2.85 -13.07
C PHE A 82 4.45 2.22 -13.58
N ILE A 83 4.97 1.23 -12.86
CA ILE A 83 6.12 0.48 -13.36
C ILE A 83 5.70 -0.33 -14.59
N PRO A 84 6.37 -0.08 -15.73
CA PRO A 84 5.98 -0.61 -17.04
C PRO A 84 6.17 -2.12 -17.22
N ASN A 85 5.81 -2.93 -16.23
CA ASN A 85 5.95 -4.38 -16.37
C ASN A 85 4.74 -5.19 -15.88
N THR A 86 3.65 -4.49 -15.59
CA THR A 86 2.37 -5.12 -15.30
C THR A 86 1.30 -4.38 -16.07
N PRO A 87 0.17 -5.04 -16.37
CA PRO A 87 -0.95 -4.39 -17.06
C PRO A 87 -1.52 -3.16 -16.35
N LEU A 88 -1.11 -2.94 -15.10
CA LEU A 88 -1.62 -1.82 -14.29
C LEU A 88 -1.20 -0.45 -14.82
N HIS A 89 -0.08 -0.40 -15.53
CA HIS A 89 0.46 0.88 -16.00
C HIS A 89 -0.24 1.39 -17.25
N ASP A 90 -0.93 0.48 -17.95
CA ASP A 90 -1.49 0.80 -19.26
C ASP A 90 -2.78 1.61 -19.17
N GLY A 91 -2.67 2.85 -18.68
CA GLY A 91 -3.82 3.72 -18.58
C GLY A 91 -3.71 4.69 -17.42
N ALA A 92 -4.86 5.11 -16.91
CA ALA A 92 -4.90 6.09 -15.83
C ALA A 92 -5.26 5.47 -14.50
N VAL A 93 -4.74 6.04 -13.43
CA VAL A 93 -5.19 5.70 -12.09
C VAL A 93 -6.29 6.68 -11.72
N ILE A 94 -7.44 6.15 -11.33
CA ILE A 94 -8.53 6.99 -10.85
C ILE A 94 -8.58 6.93 -9.33
N ILE A 95 -8.44 8.09 -8.68
CA ILE A 95 -8.61 8.16 -7.25
C ILE A 95 -9.98 8.73 -6.92
N LYS A 96 -10.73 8.01 -6.10
CA LYS A 96 -12.08 8.41 -5.74
C LYS A 96 -12.28 8.21 -4.25
N GLY A 97 -12.88 9.21 -3.61
CA GLY A 97 -13.01 9.21 -2.17
C GLY A 97 -11.64 9.18 -1.52
N ASN A 98 -11.38 8.14 -0.73
CA ASN A 98 -10.07 7.94 -0.15
C ASN A 98 -9.46 6.65 -0.65
N GLU A 99 -9.76 6.29 -1.89
CA GLU A 99 -9.26 5.06 -2.45
C GLU A 99 -8.71 5.22 -3.87
N ILE A 100 -7.74 4.39 -4.21
CA ILE A 100 -7.37 4.19 -5.59
C ILE A 100 -8.42 3.23 -6.16
N ALA A 101 -9.42 3.80 -6.83
CA ALA A 101 -10.52 3.02 -7.38
C ALA A 101 -10.03 2.03 -8.42
N SER A 102 -9.29 2.52 -9.39
CA SER A 102 -8.84 1.68 -10.50
C SER A 102 -7.50 2.12 -11.08
N ALA A 103 -6.84 1.21 -11.76
CA ALA A 103 -5.65 1.51 -12.54
C ALA A 103 -5.92 1.08 -13.97
N ALA A 104 -5.09 1.55 -14.89
CA ALA A 104 -5.23 1.22 -16.31
C ALA A 104 -6.62 1.56 -16.84
N SER A 105 -7.12 2.73 -16.46
CA SER A 105 -8.42 3.19 -16.91
C SER A 105 -8.30 4.01 -18.20
N TYR A 106 -9.39 4.06 -18.97
CA TYR A 106 -9.43 4.88 -20.17
C TYR A 106 -9.84 6.31 -19.84
N LEU A 107 -9.10 7.27 -20.38
CA LEU A 107 -9.51 8.66 -20.34
C LEU A 107 -9.65 9.14 -21.77
N PRO A 108 -10.70 9.94 -22.04
CA PRO A 108 -10.93 10.41 -23.40
C PRO A 108 -9.87 11.40 -23.86
N LEU A 109 -9.34 11.19 -25.05
CA LEU A 109 -8.36 12.11 -25.62
C LEU A 109 -9.05 13.40 -26.03
N SER A 110 -8.39 14.53 -25.80
CA SER A 110 -8.93 15.82 -26.20
C SER A 110 -8.61 16.12 -27.66
N ASP A 111 -9.51 16.82 -28.33
CA ASP A 111 -9.33 17.16 -29.73
C ASP A 111 -8.74 18.56 -29.88
N SER A 112 -8.29 19.14 -28.77
CA SER A 112 -7.70 20.48 -28.79
C SER A 112 -6.43 20.51 -29.64
N PRO A 113 -6.39 21.44 -30.62
CA PRO A 113 -5.21 21.68 -31.44
C PRO A 113 -4.25 22.63 -30.74
N PHE A 114 -4.72 23.22 -29.64
CA PHE A 114 -3.97 24.17 -28.85
C PHE A 114 -2.98 23.47 -27.95
N LEU A 115 -3.08 22.15 -27.86
CA LEU A 115 -2.14 21.37 -27.07
C LEU A 115 -0.78 21.34 -27.78
N SER A 116 0.27 21.49 -27.00
CA SER A 116 1.65 21.42 -27.50
C SER A 116 1.86 20.13 -28.28
N LYS A 117 2.73 20.15 -29.29
CA LYS A 117 2.96 18.93 -30.07
C LYS A 117 4.06 18.06 -29.49
N GLU A 118 4.85 18.60 -28.57
CA GLU A 118 5.83 17.77 -27.88
C GLU A 118 5.14 16.81 -26.90
N LEU A 119 3.90 17.15 -26.55
CA LEU A 119 3.12 16.33 -25.63
C LEU A 119 2.29 15.29 -26.40
N GLY A 120 2.14 14.11 -25.81
CA GLY A 120 1.43 13.02 -26.47
C GLY A 120 0.12 12.63 -25.81
N THR A 121 -0.24 11.35 -25.96
CA THR A 121 -1.55 10.85 -25.59
C THR A 121 -1.86 10.87 -24.09
N ARG A 122 -0.84 10.86 -23.25
CA ARG A 122 -1.03 10.96 -21.81
C ARG A 122 -1.63 12.31 -21.46
N HIS A 123 -0.94 13.36 -21.88
CA HIS A 123 -1.36 14.73 -21.64
C HIS A 123 -2.69 15.02 -22.33
N ARG A 124 -2.88 14.43 -23.51
CA ARG A 124 -4.12 14.63 -24.26
C ARG A 124 -5.29 13.97 -23.55
N ALA A 125 -5.05 12.81 -22.93
CA ALA A 125 -6.06 12.12 -22.15
C ALA A 125 -6.42 12.94 -20.92
N ALA A 126 -5.40 13.41 -20.21
CA ALA A 126 -5.60 14.29 -19.06
C ALA A 126 -6.45 15.50 -19.43
N LEU A 127 -6.10 16.11 -20.56
CA LEU A 127 -6.83 17.28 -21.05
C LEU A 127 -8.30 16.94 -21.31
N GLY A 128 -8.53 15.83 -22.00
CA GLY A 128 -9.89 15.40 -22.30
C GLY A 128 -10.73 15.21 -21.05
N ILE A 129 -10.21 14.43 -20.11
CA ILE A 129 -10.94 14.19 -18.86
C ILE A 129 -11.16 15.50 -18.10
N SER A 130 -10.24 16.45 -18.25
CA SER A 130 -10.38 17.75 -17.62
C SER A 130 -11.48 18.55 -18.32
N GLU A 131 -11.72 18.22 -19.58
CA GLU A 131 -12.73 18.91 -20.38
C GLU A 131 -14.14 18.42 -20.08
N VAL A 132 -14.29 17.12 -19.85
CA VAL A 132 -15.63 16.59 -19.61
C VAL A 132 -15.96 16.35 -18.13
N THR A 133 -14.99 16.55 -17.24
CA THR A 133 -15.24 16.49 -15.80
C THR A 133 -14.53 17.63 -15.09
N ASP A 134 -14.74 17.73 -13.79
CA ASP A 134 -14.05 18.72 -12.96
C ASP A 134 -13.10 18.00 -12.03
N SER A 135 -12.48 16.94 -12.54
CA SER A 135 -11.48 16.21 -11.76
C SER A 135 -10.10 16.79 -12.00
N ILE A 136 -9.24 16.69 -11.00
CA ILE A 136 -7.86 17.13 -11.13
C ILE A 136 -7.01 15.98 -11.63
N THR A 137 -6.24 16.21 -12.70
CA THR A 137 -5.42 15.14 -13.23
C THR A 137 -3.94 15.54 -13.29
N ILE A 138 -3.07 14.63 -12.87
CA ILE A 138 -1.64 14.88 -12.84
C ILE A 138 -0.93 13.93 -13.80
N VAL A 139 -0.01 14.46 -14.59
CA VAL A 139 0.71 13.68 -15.58
C VAL A 139 2.21 13.77 -15.37
N VAL A 140 2.88 12.62 -15.44
CA VAL A 140 4.33 12.60 -15.43
C VAL A 140 4.83 12.11 -16.78
N SER A 141 5.60 12.95 -17.46
CA SER A 141 6.12 12.64 -18.79
C SER A 141 7.24 11.60 -18.74
N GLU A 142 7.07 10.52 -19.50
CA GLU A 142 8.07 9.48 -19.60
C GLU A 142 9.31 10.02 -20.31
N GLU A 143 9.12 11.05 -21.13
CA GLU A 143 10.19 11.59 -21.95
C GLU A 143 11.05 12.62 -21.22
N THR A 144 10.41 13.59 -20.58
CA THR A 144 11.12 14.72 -20.00
C THR A 144 11.16 14.69 -18.47
N GLY A 145 10.27 13.89 -17.87
CA GLY A 145 10.16 13.86 -16.42
C GLY A 145 9.40 15.06 -15.90
N GLY A 146 8.88 15.86 -16.83
CA GLY A 146 8.10 17.03 -16.47
C GLY A 146 6.74 16.64 -15.92
N ILE A 147 6.28 17.39 -14.92
CA ILE A 147 4.99 17.15 -14.33
C ILE A 147 3.99 18.20 -14.79
N SER A 148 2.82 17.74 -15.20
CA SER A 148 1.79 18.64 -15.68
C SER A 148 0.48 18.36 -14.95
N LEU A 149 -0.46 19.29 -15.06
CA LEU A 149 -1.74 19.13 -14.37
C LEU A 149 -2.87 19.68 -15.22
N THR A 150 -4.03 19.03 -15.16
CA THR A 150 -5.18 19.47 -15.93
C THR A 150 -6.43 19.59 -15.06
N LYS A 151 -7.14 20.69 -15.26
CA LYS A 151 -8.45 20.92 -14.67
C LYS A 151 -9.20 21.91 -15.58
N GLY A 152 -10.51 21.72 -15.69
CA GLY A 152 -11.36 22.63 -16.44
C GLY A 152 -10.95 22.93 -17.87
N GLY A 153 -10.29 21.96 -18.52
CA GLY A 153 -9.89 22.13 -19.91
C GLY A 153 -8.61 22.93 -20.07
N GLU A 154 -7.91 23.17 -18.96
CA GLU A 154 -6.63 23.86 -19.01
C GLU A 154 -5.49 22.93 -18.63
N LEU A 155 -4.33 23.15 -19.22
CA LEU A 155 -3.15 22.37 -18.88
C LEU A 155 -2.02 23.27 -18.38
N PHE A 156 -1.54 22.96 -17.17
CA PHE A 156 -0.42 23.65 -16.56
C PHE A 156 0.79 22.74 -16.70
N ARG A 157 1.76 23.16 -17.50
CA ARG A 157 2.84 22.29 -17.93
C ARG A 157 4.13 22.47 -17.14
N ASP A 158 4.84 21.36 -16.91
CA ASP A 158 6.14 21.37 -16.26
C ASP A 158 6.12 22.16 -14.98
N VAL A 159 5.04 21.96 -14.22
CA VAL A 159 4.81 22.66 -12.96
C VAL A 159 5.90 22.30 -11.95
N SER A 160 6.22 23.25 -11.07
CA SER A 160 7.21 23.01 -10.01
C SER A 160 6.51 22.44 -8.79
N GLU A 161 7.28 21.81 -7.91
CA GLU A 161 6.75 21.17 -6.70
C GLU A 161 5.90 22.12 -5.87
N GLU A 162 6.37 23.35 -5.70
CA GLU A 162 5.62 24.37 -4.98
C GLU A 162 4.30 24.66 -5.68
N GLU A 163 4.37 24.84 -6.99
CA GLU A 163 3.18 25.08 -7.80
C GLU A 163 2.22 23.90 -7.71
N LEU A 164 2.77 22.69 -7.83
CA LEU A 164 1.97 21.47 -7.73
C LEU A 164 1.25 21.40 -6.40
N HIS A 165 2.01 21.64 -5.32
CA HIS A 165 1.46 21.58 -3.98
C HIS A 165 0.37 22.63 -3.77
N LYS A 166 0.59 23.83 -4.32
CA LYS A 166 -0.35 24.93 -4.16
C LYS A 166 -1.70 24.58 -4.78
N ILE A 167 -1.66 24.03 -5.99
CA ILE A 167 -2.88 23.66 -6.71
C ILE A 167 -3.63 22.53 -6.03
N LEU A 168 -2.92 21.43 -5.76
CA LEU A 168 -3.50 20.27 -5.10
C LEU A 168 -4.16 20.65 -3.78
N LEU A 169 -3.48 21.52 -3.03
CA LEU A 169 -3.99 21.99 -1.76
C LEU A 169 -5.31 22.75 -1.95
N LYS A 170 -5.32 23.64 -2.94
CA LYS A 170 -6.51 24.46 -3.19
C LYS A 170 -7.67 23.64 -3.74
N GLU A 171 -7.37 22.69 -4.63
CA GLU A 171 -8.41 22.00 -5.39
C GLU A 171 -8.89 20.69 -4.76
N LEU A 172 -8.06 20.07 -3.92
CA LEU A 172 -8.38 18.74 -3.40
C LEU A 172 -8.60 18.69 -1.89
N VAL A 173 -8.22 19.75 -1.19
CA VAL A 173 -8.42 19.82 0.26
C VAL A 173 -9.54 20.80 0.60
N THR A 174 -10.64 20.28 1.12
CA THR A 174 -11.75 21.13 1.55
C THR A 174 -11.29 22.02 2.70
N VAL A 175 -11.37 23.34 2.48
CA VAL A 175 -10.84 24.31 3.44
C VAL A 175 -11.58 24.23 4.78
N THR A 176 -12.91 24.26 4.71
CA THR A 176 -13.76 24.18 5.90
C THR A 176 -13.43 25.25 6.94
N SER B 19 37.17 9.91 22.54
CA SER B 19 36.46 8.91 21.76
C SER B 19 34.94 9.04 21.86
N TYR B 20 34.30 9.19 20.71
CA TYR B 20 32.85 9.12 20.61
C TYR B 20 32.50 7.77 20.00
N GLY B 21 33.55 7.06 19.56
CA GLY B 21 33.40 5.80 18.88
C GLY B 21 32.69 4.78 19.74
N SER B 22 32.70 5.01 21.05
CA SER B 22 31.89 4.21 21.96
C SER B 22 30.43 4.62 21.85
N ARG B 23 30.18 5.93 21.79
CA ARG B 23 28.82 6.45 21.65
C ARG B 23 28.14 5.92 20.40
N ILE B 24 28.85 5.99 19.28
CA ILE B 24 28.37 5.43 18.01
C ILE B 24 28.11 3.95 18.16
N GLU B 25 29.02 3.25 18.84
CA GLU B 25 28.91 1.81 19.02
C GLU B 25 27.71 1.45 19.89
N ARG B 26 27.43 2.30 20.89
CA ARG B 26 26.26 2.13 21.74
C ARG B 26 24.98 2.32 20.93
N GLU B 27 24.97 3.34 20.08
CA GLU B 27 23.82 3.62 19.22
C GLU B 27 23.57 2.45 18.28
N GLN B 28 24.64 1.92 17.71
CA GLN B 28 24.54 0.83 16.75
C GLN B 28 24.01 -0.46 17.39
N HIS B 29 24.43 -0.74 18.61
CA HIS B 29 23.93 -1.92 19.32
C HIS B 29 22.47 -1.75 19.71
N HIS B 30 22.08 -0.53 20.08
CA HIS B 30 20.69 -0.23 20.38
C HIS B 30 19.83 -0.43 19.14
N LEU B 31 20.38 -0.06 17.99
CA LEU B 31 19.71 -0.22 16.70
C LEU B 31 19.45 -1.70 16.43
N ILE B 32 20.50 -2.50 16.50
CA ILE B 32 20.43 -3.94 16.31
C ILE B 32 19.40 -4.56 17.25
N GLU B 33 19.44 -4.14 18.51
CA GLU B 33 18.56 -4.65 19.55
C GLU B 33 17.10 -4.35 19.23
N SER B 34 16.84 -3.11 18.82
CA SER B 34 15.48 -2.66 18.50
C SER B 34 14.89 -3.44 17.33
N ILE B 35 15.68 -3.59 16.28
CA ILE B 35 15.27 -4.36 15.10
C ILE B 35 14.93 -5.79 15.48
N GLU B 36 15.83 -6.44 16.21
CA GLU B 36 15.64 -7.82 16.65
C GLU B 36 14.37 -7.99 17.47
N LYS B 37 14.19 -7.16 18.50
CA LYS B 37 13.04 -7.29 19.38
C LYS B 37 11.72 -7.00 18.67
N SER B 38 11.68 -5.89 17.93
CA SER B 38 10.50 -5.51 17.17
C SER B 38 10.11 -6.62 16.19
N THR B 39 11.10 -7.12 15.45
CA THR B 39 10.86 -8.19 14.47
C THR B 39 10.46 -9.50 15.13
N GLN B 40 10.94 -9.77 16.33
CA GLN B 40 10.54 -10.98 17.04
C GLN B 40 9.07 -10.89 17.42
N TYR B 41 8.72 -9.78 18.05
CA TYR B 41 7.32 -9.55 18.42
C TYR B 41 6.40 -9.63 17.21
N MET B 42 6.77 -8.93 16.13
CA MET B 42 5.95 -8.91 14.92
C MET B 42 5.89 -10.28 14.25
N ALA B 43 6.96 -11.05 14.39
CA ALA B 43 6.99 -12.41 13.85
C ALA B 43 5.96 -13.26 14.56
N LYS B 44 5.92 -13.16 15.89
CA LYS B 44 4.93 -13.90 16.67
C LYS B 44 3.49 -13.55 16.29
N ARG B 45 3.23 -12.26 16.09
CA ARG B 45 1.89 -11.75 15.86
C ARG B 45 1.54 -11.72 14.39
N ARG B 46 2.47 -12.14 13.54
CA ARG B 46 2.29 -12.13 12.09
C ARG B 46 1.95 -10.74 11.59
N ILE B 47 2.74 -9.77 12.03
CA ILE B 47 2.61 -8.41 11.55
C ILE B 47 3.67 -8.21 10.47
N GLY B 48 3.21 -7.98 9.25
CA GLY B 48 4.12 -7.77 8.13
C GLY B 48 5.02 -6.57 8.39
N ALA B 49 6.31 -6.71 8.08
CA ALA B 49 7.24 -5.62 8.33
C ALA B 49 8.31 -5.53 7.27
N LEU B 50 8.76 -4.30 7.02
CA LEU B 50 9.79 -4.05 6.01
C LEU B 50 10.67 -2.91 6.51
N ILE B 51 11.87 -3.26 6.98
CA ILE B 51 12.77 -2.29 7.59
C ILE B 51 14.09 -2.24 6.87
N SER B 52 14.38 -1.13 6.20
CA SER B 52 15.65 -1.00 5.51
C SER B 52 16.60 -0.07 6.27
N VAL B 53 17.82 -0.52 6.49
CA VAL B 53 18.81 0.26 7.21
C VAL B 53 19.88 0.80 6.26
N ALA B 54 19.90 2.12 6.11
CA ALA B 54 20.84 2.77 5.18
C ALA B 54 22.28 2.63 5.65
N ARG B 55 23.19 2.52 4.68
CA ARG B 55 24.60 2.55 4.99
C ARG B 55 25.26 3.66 4.17
N ASP B 56 26.25 3.30 3.37
CA ASP B 56 27.00 4.31 2.61
C ASP B 56 26.21 4.93 1.46
N THR B 57 25.59 4.10 0.63
CA THR B 57 24.78 4.62 -0.47
C THR B 57 23.56 5.37 0.05
N GLY B 58 23.19 6.44 -0.65
CA GLY B 58 22.08 7.27 -0.22
C GLY B 58 20.73 6.67 -0.59
N MET B 59 19.76 6.82 0.31
CA MET B 59 18.41 6.38 0.05
C MET B 59 17.44 7.53 0.25
N ASP B 60 17.97 8.75 0.14
CA ASP B 60 17.19 9.98 0.29
C ASP B 60 16.00 10.01 -0.66
N ASP B 61 16.18 9.45 -1.86
CA ASP B 61 15.10 9.37 -2.83
C ASP B 61 13.96 8.52 -2.30
N TYR B 62 14.31 7.40 -1.65
CA TYR B 62 13.31 6.49 -1.11
C TYR B 62 12.78 6.96 0.25
N ILE B 63 13.63 7.68 0.99
CA ILE B 63 13.19 8.29 2.25
C ILE B 63 12.10 9.33 1.96
N GLU B 64 12.29 10.10 0.90
CA GLU B 64 11.38 11.18 0.55
C GLU B 64 10.00 10.70 0.08
N THR B 65 9.92 9.46 -0.36
CA THR B 65 8.64 8.90 -0.79
C THR B 65 7.79 8.52 0.42
N GLY B 66 8.43 8.41 1.57
CA GLY B 66 7.74 7.98 2.77
C GLY B 66 7.25 9.14 3.62
N ILE B 67 6.56 8.79 4.70
CA ILE B 67 6.10 9.78 5.67
C ILE B 67 7.26 10.09 6.62
N PRO B 68 7.64 11.38 6.69
CA PRO B 68 8.79 11.79 7.50
C PRO B 68 8.51 11.61 9.00
N LEU B 69 9.42 10.96 9.69
CA LEU B 69 9.30 10.80 11.13
C LEU B 69 10.49 11.45 11.83
N ASN B 70 11.69 11.13 11.35
CA ASN B 70 12.92 11.60 11.98
C ASN B 70 12.89 11.34 13.47
N ALA B 71 12.45 10.13 13.82
CA ALA B 71 12.21 9.78 15.21
C ALA B 71 13.33 8.92 15.77
N LYS B 72 13.36 8.80 17.08
CA LYS B 72 14.35 7.96 17.76
C LYS B 72 14.01 6.49 17.59
N ILE B 73 15.03 5.68 17.39
CA ILE B 73 14.86 4.24 17.21
C ILE B 73 14.43 3.58 18.52
N SER B 74 13.30 2.90 18.47
CA SER B 74 12.81 2.11 19.60
C SER B 74 12.02 0.95 19.04
N SER B 75 11.92 -0.13 19.80
CA SER B 75 11.17 -1.31 19.37
C SER B 75 9.68 -0.99 19.31
N GLN B 76 9.20 -0.26 20.31
CA GLN B 76 7.79 0.10 20.39
C GLN B 76 7.35 0.91 19.18
N LEU B 77 8.22 1.81 18.73
CA LEU B 77 7.88 2.64 17.59
C LEU B 77 7.77 1.80 16.33
N LEU B 78 8.76 0.95 16.07
CA LEU B 78 8.72 0.06 14.92
C LEU B 78 7.45 -0.79 14.89
N ILE B 79 7.23 -1.50 16.00
CA ILE B 79 6.05 -2.35 16.15
C ILE B 79 4.77 -1.56 15.87
N ASN B 80 4.65 -0.38 16.46
CA ASN B 80 3.48 0.47 16.23
C ASN B 80 3.36 0.96 14.79
N ILE B 81 4.50 1.20 14.14
CA ILE B 81 4.53 1.64 12.76
C ILE B 81 3.86 0.59 11.90
N PHE B 82 4.21 -0.67 12.13
CA PHE B 82 3.68 -1.72 11.26
C PHE B 82 2.29 -2.26 11.60
N ILE B 83 1.65 -1.70 12.62
CA ILE B 83 0.25 -2.05 12.92
C ILE B 83 -0.64 -1.56 11.78
N PRO B 84 -1.36 -2.50 11.14
CA PRO B 84 -2.12 -2.24 9.91
C PRO B 84 -3.35 -1.36 10.08
N ASN B 85 -3.26 -0.27 10.83
CA ASN B 85 -4.41 0.62 11.00
C ASN B 85 -4.07 2.12 10.89
N THR B 86 -2.86 2.42 10.46
CA THR B 86 -2.46 3.78 10.12
C THR B 86 -1.70 3.72 8.80
N PRO B 87 -1.67 4.84 8.05
CA PRO B 87 -0.93 4.91 6.78
C PRO B 87 0.57 4.60 6.92
N LEU B 88 1.08 4.54 8.15
CA LEU B 88 2.50 4.31 8.39
C LEU B 88 2.98 2.92 7.98
N HIS B 89 2.08 1.95 7.97
CA HIS B 89 2.45 0.57 7.68
C HIS B 89 2.59 0.32 6.18
N ASP B 90 2.02 1.20 5.36
CA ASP B 90 1.95 0.96 3.92
C ASP B 90 3.27 1.26 3.21
N GLY B 91 4.28 0.44 3.50
CA GLY B 91 5.57 0.61 2.86
C GLY B 91 6.72 0.18 3.74
N ALA B 92 7.88 0.77 3.51
CA ALA B 92 9.08 0.40 4.25
C ALA B 92 9.46 1.47 5.26
N VAL B 93 10.07 1.03 6.35
CA VAL B 93 10.71 1.95 7.29
C VAL B 93 12.17 2.08 6.88
N ILE B 94 12.62 3.31 6.68
CA ILE B 94 14.02 3.55 6.39
C ILE B 94 14.71 4.07 7.65
N ILE B 95 15.73 3.34 8.09
CA ILE B 95 16.55 3.81 9.19
C ILE B 95 17.85 4.39 8.67
N LYS B 96 18.14 5.62 9.07
CA LYS B 96 19.33 6.32 8.62
C LYS B 96 20.00 7.02 9.78
N GLY B 97 21.32 6.88 9.86
CA GLY B 97 22.06 7.39 10.99
C GLY B 97 21.57 6.70 12.26
N ASN B 98 21.09 7.48 13.20
CA ASN B 98 20.50 6.94 14.42
C ASN B 98 19.03 7.31 14.51
N GLU B 99 18.38 7.41 13.35
CA GLU B 99 16.97 7.79 13.32
C GLU B 99 16.13 6.92 12.40
N ILE B 100 14.86 6.79 12.75
CA ILE B 100 13.88 6.28 11.80
C ILE B 100 13.52 7.47 10.92
N ALA B 101 14.16 7.53 9.75
CA ALA B 101 13.97 8.65 8.82
C ALA B 101 12.53 8.73 8.35
N SER B 102 12.01 7.61 7.85
CA SER B 102 10.68 7.60 7.28
C SER B 102 9.98 6.26 7.44
N ALA B 103 8.65 6.29 7.35
CA ALA B 103 7.84 5.08 7.28
C ALA B 103 7.04 5.14 5.99
N ALA B 104 6.47 4.00 5.59
CA ALA B 104 5.66 3.93 4.37
C ALA B 104 6.42 4.43 3.14
N SER B 105 7.69 4.05 3.04
CA SER B 105 8.51 4.44 1.90
C SER B 105 8.42 3.41 0.77
N TYR B 106 8.69 3.86 -0.45
CA TYR B 106 8.73 2.97 -1.59
C TYR B 106 10.10 2.33 -1.73
N LEU B 107 10.11 1.01 -1.94
CA LEU B 107 11.32 0.30 -2.32
C LEU B 107 11.07 -0.36 -3.66
N PRO B 108 12.07 -0.32 -4.55
CA PRO B 108 11.90 -0.89 -5.90
C PRO B 108 11.77 -2.41 -5.84
N LEU B 109 10.78 -2.95 -6.54
CA LEU B 109 10.62 -4.40 -6.64
C LEU B 109 11.71 -4.97 -7.53
N SER B 110 12.23 -6.14 -7.15
CA SER B 110 13.25 -6.81 -7.95
C SER B 110 12.59 -7.64 -9.05
N ASP B 111 13.27 -7.75 -10.19
CA ASP B 111 12.76 -8.51 -11.31
C ASP B 111 13.33 -9.92 -11.34
N SER B 112 13.99 -10.30 -10.25
CA SER B 112 14.59 -11.63 -10.15
C SER B 112 13.53 -12.73 -10.20
N PRO B 113 13.69 -13.67 -11.12
CA PRO B 113 12.81 -14.84 -11.24
C PRO B 113 13.26 -15.94 -10.29
N PHE B 114 14.43 -15.74 -9.67
CA PHE B 114 14.99 -16.73 -8.78
C PHE B 114 14.48 -16.55 -7.36
N LEU B 115 13.65 -15.54 -7.17
CA LEU B 115 12.96 -15.37 -5.90
C LEU B 115 11.86 -16.43 -5.78
N SER B 116 11.73 -16.99 -4.58
CA SER B 116 10.70 -17.97 -4.28
C SER B 116 9.31 -17.43 -4.65
N LYS B 117 8.40 -18.33 -5.01
CA LYS B 117 7.05 -17.93 -5.40
C LYS B 117 6.13 -17.76 -4.20
N GLU B 118 6.50 -18.37 -3.08
CA GLU B 118 5.75 -18.24 -1.84
C GLU B 118 5.87 -16.83 -1.29
N LEU B 119 6.94 -16.15 -1.69
CA LEU B 119 7.22 -14.80 -1.23
C LEU B 119 6.59 -13.76 -2.14
N GLY B 120 6.14 -12.65 -1.56
CA GLY B 120 5.47 -11.62 -2.33
C GLY B 120 6.21 -10.30 -2.40
N THR B 121 5.46 -9.22 -2.55
CA THR B 121 6.01 -7.90 -2.86
C THR B 121 6.89 -7.29 -1.77
N ARG B 122 6.71 -7.71 -0.51
CA ARG B 122 7.55 -7.24 0.58
C ARG B 122 8.98 -7.70 0.35
N HIS B 123 9.13 -9.01 0.22
CA HIS B 123 10.43 -9.64 0.00
C HIS B 123 11.04 -9.18 -1.32
N ARG B 124 10.20 -8.97 -2.32
CA ARG B 124 10.67 -8.53 -3.63
C ARG B 124 11.19 -7.09 -3.55
N ALA B 125 10.53 -6.27 -2.74
CA ALA B 125 10.97 -4.89 -2.51
C ALA B 125 12.32 -4.89 -1.80
N ALA B 126 12.41 -5.69 -0.74
CA ALA B 126 13.66 -5.84 0.00
C ALA B 126 14.80 -6.26 -0.93
N LEU B 127 14.51 -7.23 -1.78
CA LEU B 127 15.48 -7.73 -2.74
C LEU B 127 15.94 -6.63 -3.68
N GLY B 128 14.98 -5.87 -4.23
CA GLY B 128 15.30 -4.77 -5.13
C GLY B 128 16.20 -3.73 -4.50
N ILE B 129 15.82 -3.26 -3.31
CA ILE B 129 16.63 -2.26 -2.63
C ILE B 129 18.02 -2.83 -2.28
N SER B 130 18.08 -4.14 -2.06
CA SER B 130 19.37 -4.78 -1.80
C SER B 130 20.20 -4.84 -3.07
N GLU B 131 19.51 -4.80 -4.21
CA GLU B 131 20.18 -4.86 -5.51
C GLU B 131 20.76 -3.53 -5.93
N VAL B 132 20.04 -2.45 -5.63
CA VAL B 132 20.53 -1.13 -6.06
C VAL B 132 21.22 -0.31 -4.97
N THR B 133 21.24 -0.84 -3.74
CA THR B 133 22.01 -0.23 -2.65
C THR B 133 22.75 -1.30 -1.84
N ASP B 134 23.53 -0.85 -0.87
CA ASP B 134 24.23 -1.75 0.04
C ASP B 134 23.63 -1.61 1.43
N SER B 135 22.31 -1.42 1.47
CA SER B 135 21.59 -1.30 2.73
C SER B 135 21.16 -2.69 3.20
N ILE B 136 21.06 -2.87 4.52
CA ILE B 136 20.56 -4.13 5.06
C ILE B 136 19.06 -4.00 5.25
N THR B 137 18.30 -4.96 4.72
CA THR B 137 16.84 -4.90 4.87
C THR B 137 16.29 -6.15 5.53
N ILE B 138 15.37 -5.95 6.47
CA ILE B 138 14.77 -7.06 7.22
C ILE B 138 13.27 -7.11 6.92
N VAL B 139 12.78 -8.31 6.66
CA VAL B 139 11.38 -8.51 6.32
C VAL B 139 10.71 -9.48 7.27
N VAL B 140 9.50 -9.13 7.73
CA VAL B 140 8.70 -10.06 8.51
C VAL B 140 7.45 -10.41 7.70
N SER B 141 7.29 -11.69 7.42
CA SER B 141 6.17 -12.20 6.63
C SER B 141 4.86 -12.17 7.41
N GLU B 142 3.87 -11.52 6.83
CA GLU B 142 2.53 -11.46 7.43
C GLU B 142 1.89 -12.84 7.40
N GLU B 143 2.34 -13.68 6.46
CA GLU B 143 1.74 -15.00 6.26
C GLU B 143 2.32 -16.07 7.19
N THR B 144 3.64 -16.15 7.24
CA THR B 144 4.30 -17.24 7.95
C THR B 144 4.96 -16.81 9.25
N GLY B 145 5.18 -15.50 9.41
CA GLY B 145 5.90 -14.99 10.56
C GLY B 145 7.38 -15.20 10.42
N GLY B 146 7.80 -15.69 9.26
CA GLY B 146 9.20 -15.92 8.98
C GLY B 146 9.94 -14.61 8.79
N ILE B 147 11.17 -14.56 9.27
CA ILE B 147 12.00 -13.37 9.13
C ILE B 147 13.06 -13.60 8.07
N SER B 148 13.20 -12.64 7.17
CA SER B 148 14.17 -12.73 6.09
C SER B 148 15.03 -11.49 6.06
N LEU B 149 16.14 -11.56 5.34
CA LEU B 149 17.06 -10.43 5.27
C LEU B 149 17.68 -10.33 3.89
N THR B 150 17.89 -9.10 3.42
CA THR B 150 18.47 -8.89 2.10
C THR B 150 19.63 -7.91 2.16
N LYS B 151 20.70 -8.27 1.45
CA LYS B 151 21.85 -7.43 1.23
C LYS B 151 22.53 -7.89 -0.06
N GLY B 152 23.07 -6.95 -0.83
CA GLY B 152 23.83 -7.25 -2.02
C GLY B 152 23.14 -8.13 -3.05
N GLY B 153 21.81 -8.07 -3.11
CA GLY B 153 21.07 -8.84 -4.09
C GLY B 153 20.85 -10.29 -3.67
N GLU B 154 21.13 -10.59 -2.40
CA GLU B 154 20.89 -11.92 -1.87
C GLU B 154 19.79 -11.89 -0.82
N LEU B 155 19.03 -12.97 -0.73
CA LEU B 155 18.00 -13.09 0.29
C LEU B 155 18.23 -14.31 1.18
N PHE B 156 18.31 -14.05 2.47
CA PHE B 156 18.44 -15.09 3.48
C PHE B 156 17.09 -15.28 4.13
N ARG B 157 16.48 -16.43 3.90
CA ARG B 157 15.07 -16.65 4.23
C ARG B 157 14.85 -17.38 5.55
N ASP B 158 13.80 -16.98 6.28
CA ASP B 158 13.39 -17.65 7.51
C ASP B 158 14.55 -17.83 8.47
N VAL B 159 15.35 -16.78 8.57
CA VAL B 159 16.54 -16.77 9.39
C VAL B 159 16.17 -16.92 10.87
N SER B 160 17.05 -17.56 11.64
CA SER B 160 16.84 -17.72 13.06
C SER B 160 17.39 -16.51 13.81
N GLU B 161 16.94 -16.32 15.05
CA GLU B 161 17.35 -15.18 15.87
C GLU B 161 18.87 -15.05 15.98
N GLU B 162 19.53 -16.19 16.18
CA GLU B 162 20.98 -16.24 16.27
C GLU B 162 21.59 -15.77 14.95
N GLU B 163 21.07 -16.31 13.85
CA GLU B 163 21.51 -15.94 12.52
C GLU B 163 21.27 -14.46 12.26
N LEU B 164 20.07 -13.99 12.61
CA LEU B 164 19.72 -12.59 12.45
C LEU B 164 20.68 -11.70 13.21
N HIS B 165 20.94 -12.03 14.46
CA HIS B 165 21.82 -11.26 15.31
C HIS B 165 23.24 -11.23 14.77
N LYS B 166 23.69 -12.38 14.26
CA LYS B 166 25.05 -12.50 13.74
C LYS B 166 25.27 -11.56 12.55
N ILE B 167 24.31 -11.53 11.64
CA ILE B 167 24.39 -10.71 10.44
C ILE B 167 24.32 -9.22 10.79
N LEU B 168 23.30 -8.83 11.54
CA LEU B 168 23.12 -7.44 11.96
C LEU B 168 24.36 -6.91 12.67
N LEU B 169 24.95 -7.74 13.52
CA LEU B 169 26.14 -7.37 14.25
C LEU B 169 27.30 -7.12 13.29
N LYS B 170 27.46 -8.03 12.33
CA LYS B 170 28.55 -7.93 11.37
C LYS B 170 28.39 -6.74 10.42
N GLU B 171 27.16 -6.51 9.97
CA GLU B 171 26.90 -5.57 8.89
C GLU B 171 26.58 -4.14 9.35
N LEU B 172 26.17 -4.00 10.60
CA LEU B 172 25.71 -2.69 11.09
C LEU B 172 26.56 -2.10 12.20
N VAL B 173 27.51 -2.87 12.72
CA VAL B 173 28.43 -2.35 13.72
C VAL B 173 29.72 -1.87 13.05
N THR B 174 30.22 -0.73 13.51
CA THR B 174 31.44 -0.14 12.96
C THR B 174 32.61 -0.41 13.90
N VAL B 175 33.68 -0.98 13.35
CA VAL B 175 34.80 -1.46 14.15
C VAL B 175 35.86 -0.38 14.38
N THR B 176 35.77 0.72 13.63
CA THR B 176 36.72 1.82 13.78
C THR B 176 36.29 2.79 14.87
N ASN C 16 7.88 -32.38 -9.78
CA ASN C 16 7.16 -31.12 -9.80
C ASN C 16 7.23 -30.43 -11.16
N SER C 17 6.15 -29.76 -11.52
CA SER C 17 6.10 -28.92 -12.72
C SER C 17 5.98 -27.47 -12.28
N SER C 18 6.99 -26.67 -12.62
CA SER C 18 7.09 -25.31 -12.13
C SER C 18 7.09 -24.31 -13.27
N SER C 19 6.60 -24.73 -14.42
CA SER C 19 6.57 -23.85 -15.58
C SER C 19 5.45 -22.83 -15.40
N TYR C 20 5.42 -21.84 -16.28
CA TYR C 20 4.39 -20.82 -16.23
C TYR C 20 3.16 -21.27 -17.03
N GLY C 21 2.18 -21.88 -16.35
CA GLY C 21 0.92 -22.23 -16.98
C GLY C 21 -0.16 -21.28 -16.49
N SER C 22 -0.07 -20.93 -15.21
CA SER C 22 -0.84 -19.87 -14.59
C SER C 22 -0.65 -18.53 -15.30
N ARG C 23 0.55 -18.32 -15.83
CA ARG C 23 0.85 -17.09 -16.58
C ARG C 23 -0.10 -16.94 -17.76
N ILE C 24 -0.27 -18.01 -18.52
CA ILE C 24 -1.22 -18.02 -19.63
C ILE C 24 -2.63 -17.75 -19.13
N GLU C 25 -2.98 -18.36 -18.00
CA GLU C 25 -4.31 -18.17 -17.43
C GLU C 25 -4.53 -16.73 -16.98
N ARG C 26 -3.48 -16.10 -16.46
CA ARG C 26 -3.51 -14.69 -16.07
C ARG C 26 -3.74 -13.82 -17.29
N GLU C 27 -3.02 -14.12 -18.37
CA GLU C 27 -3.13 -13.38 -19.62
C GLU C 27 -4.54 -13.50 -20.17
N GLN C 28 -5.10 -14.71 -20.12
CA GLN C 28 -6.42 -14.97 -20.67
C GLN C 28 -7.52 -14.26 -19.90
N HIS C 29 -7.39 -14.18 -18.57
CA HIS C 29 -8.36 -13.46 -17.77
C HIS C 29 -8.26 -11.95 -17.99
N HIS C 30 -7.04 -11.46 -18.19
CA HIS C 30 -6.83 -10.05 -18.50
C HIS C 30 -7.48 -9.71 -19.84
N LEU C 31 -7.40 -10.66 -20.77
CA LEU C 31 -8.01 -10.52 -22.10
C LEU C 31 -9.52 -10.38 -21.97
N ILE C 32 -10.14 -11.34 -21.29
CA ILE C 32 -11.57 -11.34 -21.04
C ILE C 32 -12.00 -10.03 -20.38
N GLU C 33 -11.24 -9.61 -19.38
CA GLU C 33 -11.53 -8.40 -18.62
C GLU C 33 -11.52 -7.16 -19.52
N SER C 34 -10.48 -7.07 -20.35
CA SER C 34 -10.31 -5.94 -21.26
C SER C 34 -11.45 -5.83 -22.25
N ILE C 35 -11.81 -6.95 -22.87
CA ILE C 35 -12.92 -7.01 -23.80
C ILE C 35 -14.22 -6.56 -23.14
N GLU C 36 -14.51 -7.13 -21.98
CA GLU C 36 -15.72 -6.78 -21.23
C GLU C 36 -15.81 -5.30 -20.90
N LYS C 37 -14.74 -4.75 -20.32
CA LYS C 37 -14.74 -3.35 -19.91
C LYS C 37 -14.83 -2.39 -21.10
N SER C 38 -13.99 -2.64 -22.10
CA SER C 38 -13.99 -1.82 -23.31
C SER C 38 -15.37 -1.83 -23.96
N THR C 39 -15.95 -3.02 -24.11
CA THR C 39 -17.26 -3.17 -24.72
C THR C 39 -18.39 -2.56 -23.89
N GLN C 40 -18.22 -2.55 -22.57
CA GLN C 40 -19.19 -1.93 -21.67
C GLN C 40 -19.19 -0.43 -21.91
N TYR C 41 -17.99 0.16 -21.85
CA TYR C 41 -17.85 1.58 -22.09
C TYR C 41 -18.39 1.98 -23.46
N MET C 42 -17.98 1.24 -24.49
CA MET C 42 -18.41 1.55 -25.85
C MET C 42 -19.91 1.34 -26.05
N ALA C 43 -20.48 0.40 -25.31
CA ALA C 43 -21.92 0.17 -25.33
C ALA C 43 -22.65 1.39 -24.81
N LYS C 44 -22.16 1.93 -23.69
CA LYS C 44 -22.77 3.14 -23.13
C LYS C 44 -22.71 4.33 -24.08
N ARG C 45 -21.56 4.48 -24.74
CA ARG C 45 -21.31 5.65 -25.58
C ARG C 45 -21.75 5.44 -27.02
N ARG C 46 -22.27 4.24 -27.30
CA ARG C 46 -22.71 3.87 -28.64
C ARG C 46 -21.57 4.01 -29.63
N ILE C 47 -20.43 3.44 -29.28
CA ILE C 47 -19.31 3.38 -30.17
C ILE C 47 -19.30 2.00 -30.81
N GLY C 48 -19.48 1.96 -32.12
CA GLY C 48 -19.48 0.71 -32.84
C GLY C 48 -18.17 -0.02 -32.67
N ALA C 49 -18.24 -1.33 -32.44
CA ALA C 49 -17.02 -2.10 -32.23
C ALA C 49 -17.12 -3.50 -32.82
N LEU C 50 -15.98 -4.01 -33.26
CA LEU C 50 -15.89 -5.33 -33.86
C LEU C 50 -14.56 -5.96 -33.46
N ILE C 51 -14.62 -6.90 -32.51
CA ILE C 51 -13.41 -7.49 -31.96
C ILE C 51 -13.41 -9.00 -32.14
N SER C 52 -12.51 -9.51 -32.97
CA SER C 52 -12.43 -10.96 -33.17
C SER C 52 -11.22 -11.54 -32.45
N VAL C 53 -11.44 -12.60 -31.69
CA VAL C 53 -10.37 -13.24 -30.93
C VAL C 53 -10.01 -14.58 -31.55
N ALA C 54 -8.79 -14.66 -32.09
CA ALA C 54 -8.33 -15.86 -32.78
C ALA C 54 -8.12 -17.04 -31.84
N ARG C 55 -8.30 -18.24 -32.38
CA ARG C 55 -8.04 -19.46 -31.64
C ARG C 55 -7.23 -20.43 -32.50
N ASP C 56 -7.76 -21.64 -32.69
CA ASP C 56 -7.05 -22.67 -33.43
C ASP C 56 -6.88 -22.36 -34.92
N THR C 57 -7.95 -21.92 -35.57
CA THR C 57 -7.87 -21.54 -36.98
C THR C 57 -7.05 -20.28 -37.16
N GLY C 58 -6.11 -20.33 -38.10
CA GLY C 58 -5.29 -19.17 -38.42
C GLY C 58 -6.13 -18.07 -39.05
N MET C 59 -5.78 -16.83 -38.76
CA MET C 59 -6.50 -15.69 -39.33
C MET C 59 -5.52 -14.66 -39.87
N ASP C 60 -4.31 -15.12 -40.18
CA ASP C 60 -3.24 -14.24 -40.67
C ASP C 60 -3.66 -13.48 -41.93
N ASP C 61 -4.44 -14.15 -42.78
CA ASP C 61 -4.96 -13.51 -43.99
C ASP C 61 -5.81 -12.30 -43.64
N TYR C 62 -6.60 -12.41 -42.57
CA TYR C 62 -7.48 -11.33 -42.14
C TYR C 62 -6.73 -10.30 -41.29
N ILE C 63 -5.71 -10.76 -40.57
CA ILE C 63 -4.84 -9.86 -39.81
C ILE C 63 -4.07 -8.95 -40.76
N GLU C 64 -3.61 -9.53 -41.88
CA GLU C 64 -2.78 -8.80 -42.84
C GLU C 64 -3.54 -7.71 -43.60
N THR C 65 -4.87 -7.80 -43.62
CA THR C 65 -5.68 -6.78 -44.28
C THR C 65 -5.78 -5.54 -43.40
N GLY C 66 -5.49 -5.71 -42.13
CA GLY C 66 -5.62 -4.62 -41.17
C GLY C 66 -4.34 -3.84 -40.96
N ILE C 67 -4.44 -2.79 -40.15
CA ILE C 67 -3.28 -2.00 -39.77
C ILE C 67 -2.57 -2.71 -38.62
N PRO C 68 -1.29 -3.04 -38.82
CA PRO C 68 -0.53 -3.80 -37.82
C PRO C 68 -0.29 -2.98 -36.55
N LEU C 69 -0.61 -3.57 -35.41
CA LEU C 69 -0.37 -2.92 -34.13
C LEU C 69 0.60 -3.76 -33.31
N ASN C 70 0.29 -5.05 -33.18
CA ASN C 70 1.07 -5.96 -32.35
C ASN C 70 1.25 -5.37 -30.97
N ALA C 71 0.15 -4.84 -30.44
CA ALA C 71 0.19 -4.10 -29.18
C ALA C 71 -0.34 -4.93 -28.03
N LYS C 72 -0.07 -4.48 -26.82
CA LYS C 72 -0.57 -5.15 -25.63
C LYS C 72 -2.05 -4.88 -25.44
N ILE C 73 -2.76 -5.91 -24.99
CA ILE C 73 -4.19 -5.81 -24.76
C ILE C 73 -4.50 -4.93 -23.56
N SER C 74 -5.30 -3.90 -23.78
CA SER C 74 -5.77 -3.04 -22.72
C SER C 74 -7.14 -2.51 -23.14
N SER C 75 -7.96 -2.13 -22.15
CA SER C 75 -9.28 -1.61 -22.44
C SER C 75 -9.18 -0.24 -23.13
N GLN C 76 -8.25 0.58 -22.64
CA GLN C 76 -8.06 1.92 -23.18
C GLN C 76 -7.68 1.87 -24.66
N LEU C 77 -6.85 0.90 -25.03
CA LEU C 77 -6.42 0.78 -26.41
C LEU C 77 -7.60 0.42 -27.30
N LEU C 78 -8.37 -0.60 -26.92
CA LEU C 78 -9.56 -1.00 -27.66
C LEU C 78 -10.51 0.17 -27.87
N ILE C 79 -10.90 0.79 -26.75
CA ILE C 79 -11.81 1.93 -26.77
C ILE C 79 -11.29 3.02 -27.71
N ASN C 80 -10.01 3.35 -27.61
CA ASN C 80 -9.41 4.35 -28.49
C ASN C 80 -9.38 3.92 -29.96
N ILE C 81 -9.19 2.62 -30.20
CA ILE C 81 -9.17 2.07 -31.55
C ILE C 81 -10.49 2.38 -32.21
N PHE C 82 -11.58 2.14 -31.49
CA PHE C 82 -12.89 2.30 -32.12
C PHE C 82 -13.47 3.72 -32.14
N ILE C 83 -12.72 4.70 -31.65
CA ILE C 83 -13.14 6.09 -31.78
C ILE C 83 -13.11 6.49 -33.24
N PRO C 84 -14.27 6.92 -33.78
CA PRO C 84 -14.47 7.17 -35.22
C PRO C 84 -13.73 8.39 -35.78
N ASN C 85 -12.47 8.59 -35.41
CA ASN C 85 -11.70 9.71 -35.95
C ASN C 85 -10.28 9.37 -36.40
N THR C 86 -9.97 8.08 -36.43
CA THR C 86 -8.73 7.58 -37.01
C THR C 86 -9.07 6.38 -37.89
N PRO C 87 -8.21 6.08 -38.89
CA PRO C 87 -8.43 4.91 -39.77
C PRO C 87 -8.50 3.58 -39.02
N LEU C 88 -8.15 3.57 -37.74
CA LEU C 88 -8.12 2.34 -36.94
C LEU C 88 -9.50 1.73 -36.70
N HIS C 89 -10.53 2.56 -36.74
CA HIS C 89 -11.90 2.11 -36.44
C HIS C 89 -12.55 1.41 -37.62
N ASP C 90 -12.01 1.64 -38.82
CA ASP C 90 -12.66 1.17 -40.03
C ASP C 90 -12.43 -0.31 -40.30
N GLY C 91 -12.99 -1.16 -39.43
CA GLY C 91 -12.87 -2.59 -39.58
C GLY C 91 -12.89 -3.32 -38.26
N ALA C 92 -12.25 -4.49 -38.24
CA ALA C 92 -12.24 -5.33 -37.05
C ALA C 92 -10.89 -5.29 -36.35
N VAL C 93 -10.93 -5.46 -35.03
CA VAL C 93 -9.71 -5.70 -34.26
C VAL C 93 -9.53 -7.20 -34.16
N ILE C 94 -8.36 -7.68 -34.55
CA ILE C 94 -8.04 -9.09 -34.39
C ILE C 94 -7.12 -9.27 -33.20
N ILE C 95 -7.56 -10.05 -32.21
CA ILE C 95 -6.70 -10.39 -31.09
C ILE C 95 -6.15 -11.79 -31.28
N LYS C 96 -4.83 -11.91 -31.20
CA LYS C 96 -4.16 -13.18 -31.41
C LYS C 96 -3.08 -13.36 -30.35
N GLY C 97 -3.02 -14.56 -29.77
CA GLY C 97 -2.13 -14.82 -28.66
C GLY C 97 -2.48 -13.90 -27.50
N ASN C 98 -1.51 -13.09 -27.08
CA ASN C 98 -1.76 -12.08 -26.06
C ASN C 98 -1.55 -10.69 -26.62
N GLU C 99 -1.87 -10.51 -27.89
CA GLU C 99 -1.68 -9.23 -28.54
C GLU C 99 -2.87 -8.79 -29.38
N ILE C 100 -3.06 -7.49 -29.49
CA ILE C 100 -3.92 -6.93 -30.51
C ILE C 100 -3.09 -6.93 -31.79
N ALA C 101 -3.29 -7.95 -32.61
CA ALA C 101 -2.52 -8.12 -33.84
C ALA C 101 -2.74 -6.96 -34.79
N SER C 102 -4.01 -6.67 -35.07
CA SER C 102 -4.34 -5.65 -36.05
C SER C 102 -5.66 -4.94 -35.74
N ALA C 103 -5.81 -3.75 -36.31
CA ALA C 103 -7.08 -3.03 -36.28
C ALA C 103 -7.49 -2.76 -37.71
N ALA C 104 -8.75 -2.39 -37.91
CA ALA C 104 -9.27 -2.10 -39.26
C ALA C 104 -9.04 -3.27 -40.22
N SER C 105 -9.30 -4.48 -39.74
CA SER C 105 -9.15 -5.67 -40.58
C SER C 105 -10.46 -6.01 -41.28
N TYR C 106 -10.35 -6.72 -42.40
CA TYR C 106 -11.53 -7.17 -43.12
C TYR C 106 -12.02 -8.51 -42.55
N LEU C 107 -13.32 -8.59 -42.33
CA LEU C 107 -13.97 -9.85 -42.01
C LEU C 107 -15.01 -10.13 -43.08
N PRO C 108 -15.11 -11.39 -43.52
CA PRO C 108 -16.06 -11.74 -44.58
C PRO C 108 -17.50 -11.61 -44.11
N LEU C 109 -18.33 -10.95 -44.92
CA LEU C 109 -19.75 -10.84 -44.61
C LEU C 109 -20.43 -12.18 -44.83
N SER C 110 -21.36 -12.54 -43.95
CA SER C 110 -22.11 -13.78 -44.08
C SER C 110 -23.30 -13.59 -45.03
N ASP C 111 -23.65 -14.63 -45.76
CA ASP C 111 -24.75 -14.59 -46.70
C ASP C 111 -26.03 -15.14 -46.07
N SER C 112 -26.00 -15.35 -44.76
CA SER C 112 -27.16 -15.86 -44.04
C SER C 112 -28.35 -14.89 -44.12
N PRO C 113 -29.50 -15.39 -44.58
CA PRO C 113 -30.75 -14.64 -44.63
C PRO C 113 -31.46 -14.70 -43.29
N PHE C 114 -30.97 -15.56 -42.41
CA PHE C 114 -31.59 -15.74 -41.09
C PHE C 114 -31.09 -14.71 -40.11
N LEU C 115 -30.15 -13.89 -40.55
CA LEU C 115 -29.69 -12.77 -39.74
C LEU C 115 -30.79 -11.71 -39.68
N SER C 116 -30.98 -11.14 -38.49
CA SER C 116 -31.98 -10.10 -38.28
C SER C 116 -31.73 -8.92 -39.24
N LYS C 117 -32.80 -8.20 -39.58
CA LYS C 117 -32.75 -7.12 -40.55
C LYS C 117 -32.31 -5.81 -39.91
N GLU C 118 -32.50 -5.72 -38.59
CA GLU C 118 -32.11 -4.54 -37.83
C GLU C 118 -30.60 -4.45 -37.72
N LEU C 119 -29.95 -5.60 -37.90
CA LEU C 119 -28.50 -5.69 -37.81
C LEU C 119 -27.84 -5.45 -39.17
N GLY C 120 -26.68 -4.81 -39.15
CA GLY C 120 -25.99 -4.47 -40.39
C GLY C 120 -24.67 -5.19 -40.60
N THR C 121 -23.77 -4.54 -41.33
CA THR C 121 -22.55 -5.16 -41.82
C THR C 121 -21.54 -5.57 -40.73
N ARG C 122 -21.61 -4.94 -39.57
CA ARG C 122 -20.75 -5.31 -38.45
C ARG C 122 -21.08 -6.72 -37.99
N HIS C 123 -22.35 -6.91 -37.66
CA HIS C 123 -22.85 -8.19 -37.20
C HIS C 123 -22.72 -9.25 -38.28
N ARG C 124 -22.92 -8.85 -39.53
CA ARG C 124 -22.81 -9.76 -40.65
C ARG C 124 -21.36 -10.22 -40.84
N ALA C 125 -20.42 -9.30 -40.63
CA ALA C 125 -19.01 -9.63 -40.69
C ALA C 125 -18.63 -10.61 -39.59
N ALA C 126 -19.07 -10.30 -38.37
CA ALA C 126 -18.86 -11.18 -37.22
C ALA C 126 -19.39 -12.58 -37.52
N LEU C 127 -20.59 -12.64 -38.07
CA LEU C 127 -21.22 -13.90 -38.41
C LEU C 127 -20.38 -14.67 -39.42
N GLY C 128 -19.95 -13.99 -40.48
CA GLY C 128 -19.13 -14.61 -41.49
C GLY C 128 -17.84 -15.22 -40.95
N ILE C 129 -17.10 -14.42 -40.18
CA ILE C 129 -15.85 -14.91 -39.60
C ILE C 129 -16.13 -16.06 -38.63
N SER C 130 -17.30 -16.04 -38.00
CA SER C 130 -17.69 -17.14 -37.11
C SER C 130 -18.01 -18.39 -37.94
N GLU C 131 -18.38 -18.18 -39.19
CA GLU C 131 -18.75 -19.29 -40.07
C GLU C 131 -17.51 -19.97 -40.66
N VAL C 132 -16.49 -19.20 -40.98
CA VAL C 132 -15.30 -19.80 -41.59
C VAL C 132 -14.13 -20.04 -40.63
N THR C 133 -14.28 -19.60 -39.38
CA THR C 133 -13.29 -19.90 -38.34
C THR C 133 -13.99 -20.28 -37.04
N ASP C 134 -13.19 -20.64 -36.04
CA ASP C 134 -13.71 -20.95 -34.71
C ASP C 134 -13.23 -19.87 -33.74
N SER C 135 -13.19 -18.64 -34.22
CA SER C 135 -12.81 -17.50 -33.40
C SER C 135 -14.05 -16.92 -32.73
N ILE C 136 -13.86 -16.35 -31.54
CA ILE C 136 -14.96 -15.68 -30.85
C ILE C 136 -14.96 -14.21 -31.26
N THR C 137 -16.11 -13.71 -31.69
CA THR C 137 -16.19 -12.31 -32.10
C THR C 137 -17.25 -11.54 -31.32
N ILE C 138 -16.90 -10.34 -30.88
CA ILE C 138 -17.81 -9.51 -30.09
C ILE C 138 -18.12 -8.24 -30.87
N VAL C 139 -19.40 -7.87 -30.90
CA VAL C 139 -19.85 -6.70 -31.63
C VAL C 139 -20.57 -5.73 -30.73
N VAL C 140 -20.26 -4.44 -30.87
CA VAL C 140 -21.01 -3.41 -30.18
C VAL C 140 -21.73 -2.55 -31.22
N SER C 141 -23.05 -2.52 -31.12
CA SER C 141 -23.90 -1.79 -32.06
C SER C 141 -23.80 -0.27 -31.86
N GLU C 142 -23.46 0.45 -32.92
CA GLU C 142 -23.39 1.90 -32.88
C GLU C 142 -24.79 2.49 -32.70
N GLU C 143 -25.80 1.72 -33.10
CA GLU C 143 -27.18 2.19 -33.09
C GLU C 143 -27.86 2.01 -31.73
N THR C 144 -27.77 0.79 -31.18
CA THR C 144 -28.53 0.44 -29.99
C THR C 144 -27.66 0.32 -28.74
N GLY C 145 -26.35 0.18 -28.94
CA GLY C 145 -25.44 -0.05 -27.83
C GLY C 145 -25.51 -1.49 -27.36
N GLY C 146 -26.26 -2.31 -28.09
CA GLY C 146 -26.39 -3.71 -27.76
C GLY C 146 -25.11 -4.46 -28.08
N ILE C 147 -24.78 -5.42 -27.22
CA ILE C 147 -23.59 -6.24 -27.42
C ILE C 147 -23.99 -7.63 -27.91
N SER C 148 -23.31 -8.09 -28.96
CA SER C 148 -23.60 -9.39 -29.53
C SER C 148 -22.32 -10.20 -29.65
N LEU C 149 -22.46 -11.50 -29.87
CA LEU C 149 -21.30 -12.38 -29.94
C LEU C 149 -21.53 -13.46 -30.98
N THR C 150 -20.47 -13.83 -31.70
CA THR C 150 -20.58 -14.86 -32.72
C THR C 150 -19.49 -15.91 -32.56
N LYS C 151 -19.92 -17.17 -32.69
CA LYS C 151 -19.04 -18.33 -32.74
C LYS C 151 -19.77 -19.44 -33.48
N GLY C 152 -19.03 -20.22 -34.27
CA GLY C 152 -19.58 -21.38 -34.96
C GLY C 152 -20.79 -21.12 -35.84
N GLY C 153 -20.90 -19.91 -36.37
CA GLY C 153 -22.00 -19.58 -37.26
C GLY C 153 -23.28 -19.23 -36.52
N GLU C 154 -23.18 -19.02 -35.22
CA GLU C 154 -24.31 -18.60 -34.41
C GLU C 154 -24.11 -17.19 -33.89
N LEU C 155 -25.21 -16.45 -33.74
CA LEU C 155 -25.15 -15.11 -33.17
C LEU C 155 -26.02 -15.00 -31.93
N PHE C 156 -25.41 -14.58 -30.84
CA PHE C 156 -26.09 -14.34 -29.59
C PHE C 156 -26.23 -12.84 -29.44
N ARG C 157 -27.47 -12.36 -29.48
CA ARG C 157 -27.74 -10.94 -29.63
C ARG C 157 -28.09 -10.24 -28.32
N ASP C 158 -27.63 -9.00 -28.18
CA ASP C 158 -27.95 -8.15 -27.03
C ASP C 158 -27.72 -8.87 -25.72
N VAL C 159 -26.59 -9.58 -25.68
CA VAL C 159 -26.19 -10.37 -24.53
C VAL C 159 -25.97 -9.48 -23.30
N SER C 160 -26.24 -10.01 -22.12
CA SER C 160 -26.02 -9.27 -20.88
C SER C 160 -24.58 -9.51 -20.40
N GLU C 161 -24.10 -8.61 -19.53
CA GLU C 161 -22.74 -8.69 -19.02
C GLU C 161 -22.41 -10.05 -18.42
N GLU C 162 -23.34 -10.60 -17.64
CA GLU C 162 -23.18 -11.92 -17.05
C GLU C 162 -23.05 -12.98 -18.15
N GLU C 163 -23.94 -12.90 -19.13
CA GLU C 163 -23.92 -13.81 -20.26
C GLU C 163 -22.62 -13.67 -21.04
N LEU C 164 -22.22 -12.43 -21.30
CA LEU C 164 -20.97 -12.15 -22.01
C LEU C 164 -19.79 -12.76 -21.27
N HIS C 165 -19.73 -12.52 -19.97
CA HIS C 165 -18.64 -13.03 -19.14
C HIS C 165 -18.61 -14.56 -19.12
N LYS C 166 -19.79 -15.16 -19.05
CA LYS C 166 -19.89 -16.61 -19.00
C LYS C 166 -19.31 -17.26 -20.26
N ILE C 167 -19.66 -16.71 -21.41
CA ILE C 167 -19.21 -17.23 -22.70
C ILE C 167 -17.71 -17.04 -22.88
N LEU C 168 -17.23 -15.81 -22.70
CA LEU C 168 -15.82 -15.48 -22.83
C LEU C 168 -14.96 -16.36 -21.93
N LEU C 169 -15.44 -16.58 -20.71
CA LEU C 169 -14.76 -17.43 -19.74
C LEU C 169 -14.64 -18.85 -20.28
N LYS C 170 -15.76 -19.37 -20.78
CA LYS C 170 -15.81 -20.74 -21.29
C LYS C 170 -14.96 -20.93 -22.54
N GLU C 171 -15.02 -19.96 -23.44
CA GLU C 171 -14.46 -20.11 -24.77
C GLU C 171 -13.02 -19.64 -24.94
N LEU C 172 -12.56 -18.74 -24.07
CA LEU C 172 -11.24 -18.16 -24.24
C LEU C 172 -10.24 -18.56 -23.16
N VAL C 173 -10.73 -19.02 -22.02
CA VAL C 173 -9.86 -19.47 -20.94
C VAL C 173 -9.55 -20.95 -21.07
N THR C 174 -8.28 -21.27 -21.21
CA THR C 174 -7.83 -22.66 -21.34
C THR C 174 -7.98 -23.40 -20.01
N VAL C 175 -8.57 -24.59 -20.09
CA VAL C 175 -8.74 -25.44 -18.91
C VAL C 175 -7.72 -26.58 -18.93
N THR C 176 -7.05 -26.78 -17.79
CA THR C 176 -6.07 -27.86 -17.68
C THR C 176 -6.09 -28.47 -16.27
N TYR D 20 7.76 -17.71 55.35
CA TYR D 20 8.17 -17.01 54.14
C TYR D 20 7.03 -16.18 53.58
N GLY D 21 5.79 -16.59 53.90
CA GLY D 21 4.60 -15.91 53.40
C GLY D 21 4.66 -14.43 53.73
N SER D 22 5.52 -14.11 54.68
CA SER D 22 5.81 -12.74 55.04
C SER D 22 6.85 -12.12 54.11
N ARG D 23 7.84 -12.91 53.70
CA ARG D 23 8.89 -12.43 52.79
C ARG D 23 8.29 -11.90 51.50
N ILE D 24 7.39 -12.69 50.92
CA ILE D 24 6.66 -12.28 49.73
C ILE D 24 5.85 -11.01 50.01
N GLU D 25 5.21 -10.98 51.18
CA GLU D 25 4.39 -9.86 51.59
C GLU D 25 5.23 -8.59 51.75
N ARG D 26 6.44 -8.73 52.26
CA ARG D 26 7.29 -7.55 52.38
C ARG D 26 7.83 -7.08 51.03
N GLU D 27 8.10 -8.02 50.13
CA GLU D 27 8.49 -7.69 48.77
C GLU D 27 7.37 -6.91 48.07
N GLN D 28 6.14 -7.38 48.25
CA GLN D 28 4.98 -6.77 47.60
C GLN D 28 4.71 -5.36 48.12
N HIS D 29 4.90 -5.14 49.42
CA HIS D 29 4.72 -3.81 49.99
C HIS D 29 5.82 -2.86 49.53
N HIS D 30 7.04 -3.38 49.39
CA HIS D 30 8.15 -2.60 48.88
C HIS D 30 7.87 -2.17 47.44
N LEU D 31 7.26 -3.08 46.69
CA LEU D 31 6.87 -2.83 45.30
C LEU D 31 5.88 -1.68 45.23
N ILE D 32 4.80 -1.80 45.99
CA ILE D 32 3.76 -0.77 46.07
C ILE D 32 4.37 0.57 46.45
N GLU D 33 5.25 0.55 47.44
CA GLU D 33 5.90 1.75 47.96
C GLU D 33 6.74 2.44 46.89
N SER D 34 7.53 1.64 46.17
CA SER D 34 8.41 2.13 45.12
C SER D 34 7.62 2.80 43.99
N ILE D 35 6.57 2.13 43.55
CA ILE D 35 5.70 2.66 42.50
C ILE D 35 5.10 4.00 42.93
N GLU D 36 4.53 4.03 44.13
CA GLU D 36 3.91 5.23 44.66
C GLU D 36 4.88 6.41 44.73
N LYS D 37 6.04 6.18 45.33
CA LYS D 37 7.02 7.25 45.51
C LYS D 37 7.59 7.75 44.18
N SER D 38 8.01 6.81 43.33
CA SER D 38 8.53 7.14 42.01
C SER D 38 7.50 7.94 41.21
N THR D 39 6.26 7.47 41.22
CA THR D 39 5.19 8.14 40.48
C THR D 39 4.83 9.50 41.07
N GLN D 40 5.01 9.67 42.37
CA GLN D 40 4.73 10.95 42.98
C GLN D 40 5.78 11.97 42.56
N TYR D 41 7.04 11.56 42.66
CA TYR D 41 8.14 12.42 42.22
C TYR D 41 7.98 12.80 40.76
N MET D 42 7.72 11.79 39.91
CA MET D 42 7.58 12.03 38.48
C MET D 42 6.36 12.88 38.15
N ALA D 43 5.32 12.74 38.97
CA ALA D 43 4.12 13.56 38.81
C ALA D 43 4.45 15.02 39.04
N LYS D 44 5.21 15.30 40.11
CA LYS D 44 5.63 16.67 40.39
C LYS D 44 6.46 17.28 39.27
N ARG D 45 7.37 16.48 38.72
CA ARG D 45 8.34 16.96 37.74
C ARG D 45 7.82 16.82 36.31
N ARG D 46 6.62 16.28 36.18
CA ARG D 46 6.00 16.06 34.87
C ARG D 46 6.89 15.18 34.01
N ILE D 47 7.33 14.07 34.58
CA ILE D 47 8.08 13.08 33.84
C ILE D 47 7.11 11.98 33.44
N GLY D 48 6.91 11.82 32.14
CA GLY D 48 6.02 10.80 31.63
C GLY D 48 6.46 9.43 32.08
N ALA D 49 5.52 8.60 32.51
CA ALA D 49 5.87 7.26 32.98
C ALA D 49 4.82 6.23 32.61
N LEU D 50 5.29 5.00 32.39
CA LEU D 50 4.42 3.89 32.03
C LEU D 50 4.95 2.62 32.68
N ILE D 51 4.30 2.19 33.75
CA ILE D 51 4.77 1.06 34.53
C ILE D 51 3.71 -0.05 34.60
N SER D 52 3.98 -1.18 33.97
CA SER D 52 3.04 -2.29 34.02
C SER D 52 3.53 -3.38 34.95
N VAL D 53 2.66 -3.83 35.85
CA VAL D 53 3.01 -4.87 36.81
C VAL D 53 2.33 -6.18 36.46
N ALA D 54 3.12 -7.17 36.09
CA ALA D 54 2.61 -8.48 35.67
C ALA D 54 1.95 -9.24 36.82
N ARG D 55 0.89 -9.97 36.50
CA ARG D 55 0.23 -10.84 37.46
C ARG D 55 -0.14 -12.16 36.79
N ASP D 56 0.47 -12.40 35.63
CA ASP D 56 0.26 -13.63 34.86
C ASP D 56 1.33 -13.74 33.79
N THR D 57 1.34 -14.88 33.10
CA THR D 57 2.38 -15.20 32.12
C THR D 57 2.40 -14.27 30.90
N GLY D 58 1.25 -13.66 30.60
CA GLY D 58 1.04 -12.97 29.33
C GLY D 58 2.01 -11.82 29.00
N MET D 59 2.80 -11.40 29.98
CA MET D 59 3.66 -10.24 29.79
C MET D 59 5.03 -10.56 29.21
N ASP D 60 5.38 -11.85 29.16
CA ASP D 60 6.67 -12.29 28.66
C ASP D 60 6.99 -11.77 27.25
N ASP D 61 5.99 -11.81 26.38
CA ASP D 61 6.13 -11.34 25.00
C ASP D 61 6.46 -9.84 24.93
N TYR D 62 5.88 -9.08 25.84
CA TYR D 62 6.10 -7.64 25.89
C TYR D 62 7.40 -7.29 26.60
N ILE D 63 7.81 -8.17 27.52
CA ILE D 63 9.09 -8.00 28.20
C ILE D 63 10.24 -8.08 27.20
N GLU D 64 10.13 -9.02 26.26
CA GLU D 64 11.19 -9.25 25.29
C GLU D 64 11.39 -8.12 24.30
N THR D 65 10.36 -7.28 24.13
CA THR D 65 10.47 -6.14 23.22
C THR D 65 11.27 -5.02 23.87
N GLY D 66 11.41 -5.09 25.19
CA GLY D 66 12.09 -4.05 25.92
C GLY D 66 13.56 -4.32 26.15
N ILE D 67 14.24 -3.36 26.76
CA ILE D 67 15.62 -3.52 27.15
C ILE D 67 15.69 -4.28 28.46
N PRO D 68 16.39 -5.43 28.47
CA PRO D 68 16.44 -6.28 29.66
C PRO D 68 17.21 -5.62 30.79
N LEU D 69 16.61 -5.59 31.98
CA LEU D 69 17.27 -5.06 33.15
C LEU D 69 17.41 -6.15 34.20
N ASN D 70 16.30 -6.82 34.49
CA ASN D 70 16.26 -7.83 35.54
C ASN D 70 16.83 -7.26 36.83
N ALA D 71 16.44 -6.02 37.13
CA ALA D 71 17.02 -5.29 38.24
C ALA D 71 16.09 -5.28 39.44
N LYS D 72 16.63 -4.92 40.59
CA LYS D 72 15.82 -4.84 41.78
C LYS D 72 14.96 -3.58 41.82
N ILE D 73 13.76 -3.73 42.33
CA ILE D 73 12.79 -2.64 42.37
C ILE D 73 13.22 -1.57 43.37
N SER D 74 13.35 -0.35 42.89
CA SER D 74 13.64 0.80 43.73
C SER D 74 13.01 2.02 43.08
N SER D 75 12.71 3.04 43.88
CA SER D 75 12.11 4.25 43.37
C SER D 75 13.10 5.00 42.49
N GLN D 76 14.35 5.04 42.94
CA GLN D 76 15.40 5.75 42.21
C GLN D 76 15.59 5.17 40.82
N LEU D 77 15.51 3.85 40.71
CA LEU D 77 15.70 3.21 39.42
C LEU D 77 14.56 3.58 38.47
N LEU D 78 13.33 3.46 38.93
CA LEU D 78 12.16 3.84 38.13
C LEU D 78 12.27 5.28 37.61
N ILE D 79 12.45 6.20 38.56
CA ILE D 79 12.59 7.62 38.25
C ILE D 79 13.68 7.85 37.21
N ASN D 80 14.84 7.23 37.42
CA ASN D 80 15.94 7.35 36.46
C ASN D 80 15.63 6.73 35.09
N ILE D 81 14.86 5.64 35.09
CA ILE D 81 14.45 4.98 33.86
C ILE D 81 13.68 5.97 33.01
N PHE D 82 12.75 6.68 33.63
CA PHE D 82 11.90 7.57 32.84
C PHE D 82 12.46 8.96 32.52
N ILE D 83 13.70 9.23 32.93
CA ILE D 83 14.35 10.47 32.54
C ILE D 83 14.61 10.44 31.03
N PRO D 84 14.06 11.44 30.30
CA PRO D 84 14.04 11.47 28.83
C PRO D 84 15.40 11.70 28.17
N ASN D 85 16.46 11.05 28.64
CA ASN D 85 17.77 11.22 28.01
C ASN D 85 18.54 9.91 27.80
N THR D 86 17.87 8.79 28.01
CA THR D 86 18.41 7.48 27.66
C THR D 86 17.31 6.70 26.95
N PRO D 87 17.68 5.71 26.11
CA PRO D 87 16.70 4.87 25.43
C PRO D 87 15.75 4.11 26.36
N LEU D 88 16.03 4.12 27.68
CA LEU D 88 15.22 3.39 28.65
C LEU D 88 13.82 3.96 28.82
N HIS D 89 13.64 5.24 28.53
CA HIS D 89 12.36 5.90 28.75
C HIS D 89 11.36 5.62 27.63
N ASP D 90 11.88 5.19 26.48
CA ASP D 90 11.05 5.06 25.28
C ASP D 90 10.17 3.80 25.31
N GLY D 91 9.22 3.77 26.23
CA GLY D 91 8.30 2.65 26.31
C GLY D 91 7.82 2.40 27.73
N ALA D 92 7.48 1.15 28.01
CA ALA D 92 6.94 0.79 29.32
C ALA D 92 7.96 0.03 30.15
N VAL D 93 7.87 0.19 31.46
CA VAL D 93 8.60 -0.65 32.40
C VAL D 93 7.70 -1.81 32.78
N ILE D 94 8.20 -3.04 32.60
CA ILE D 94 7.45 -4.21 33.02
C ILE D 94 8.04 -4.72 34.33
N ILE D 95 7.22 -4.79 35.36
CA ILE D 95 7.63 -5.40 36.61
C ILE D 95 7.06 -6.79 36.72
N LYS D 96 7.93 -7.76 36.97
CA LYS D 96 7.52 -9.15 37.06
C LYS D 96 8.21 -9.81 38.24
N GLY D 97 7.44 -10.57 39.01
CA GLY D 97 7.94 -11.14 40.24
C GLY D 97 8.36 -10.03 41.18
N ASN D 98 9.63 -10.04 41.57
CA ASN D 98 10.17 -8.97 42.39
C ASN D 98 11.28 -8.24 41.63
N GLU D 99 11.13 -8.14 40.32
CA GLU D 99 12.13 -7.50 39.49
C GLU D 99 11.55 -6.54 38.47
N ILE D 100 12.32 -5.52 38.13
CA ILE D 100 12.05 -4.74 36.93
C ILE D 100 12.61 -5.56 35.77
N ALA D 101 11.73 -6.29 35.11
CA ALA D 101 12.14 -7.19 34.03
C ALA D 101 12.75 -6.41 32.88
N SER D 102 12.02 -5.39 32.42
CA SER D 102 12.47 -4.63 31.25
C SER D 102 12.00 -3.18 31.30
N ALA D 103 12.70 -2.35 30.54
CA ALA D 103 12.28 -0.97 30.30
C ALA D 103 12.14 -0.78 28.80
N ALA D 104 11.48 0.29 28.40
CA ALA D 104 11.26 0.59 26.98
C ALA D 104 10.58 -0.56 26.24
N SER D 105 9.58 -1.16 26.88
CA SER D 105 8.83 -2.25 26.27
C SER D 105 7.63 -1.74 25.49
N TYR D 106 7.19 -2.53 24.52
CA TYR D 106 6.00 -2.20 23.76
C TYR D 106 4.74 -2.69 24.46
N LEU D 107 3.75 -1.81 24.55
CA LEU D 107 2.42 -2.20 25.00
C LEU D 107 1.44 -1.89 23.87
N PRO D 108 0.49 -2.80 23.63
CA PRO D 108 -0.47 -2.61 22.53
C PRO D 108 -1.41 -1.44 22.81
N LEU D 109 -1.58 -0.56 21.83
CA LEU D 109 -2.53 0.54 21.95
C LEU D 109 -3.95 0.02 21.87
N SER D 110 -4.83 0.58 22.69
CA SER D 110 -6.23 0.19 22.67
C SER D 110 -6.99 0.94 21.58
N ASP D 111 -7.99 0.30 21.00
CA ASP D 111 -8.78 0.92 19.94
C ASP D 111 -10.06 1.52 20.49
N SER D 112 -10.13 1.61 21.82
CA SER D 112 -11.31 2.19 22.46
C SER D 112 -11.51 3.65 22.10
N PRO D 113 -12.70 4.00 21.59
CA PRO D 113 -13.07 5.38 21.29
C PRO D 113 -13.60 6.08 22.53
N PHE D 114 -13.82 5.30 23.59
CA PHE D 114 -14.34 5.83 24.84
C PHE D 114 -13.24 6.44 25.69
N LEU D 115 -11.99 6.29 25.23
CA LEU D 115 -10.87 6.93 25.90
C LEU D 115 -10.94 8.44 25.66
N SER D 116 -10.65 9.21 26.71
CA SER D 116 -10.60 10.66 26.63
C SER D 116 -9.66 11.12 25.50
N LYS D 117 -9.95 12.27 24.91
CA LYS D 117 -9.16 12.79 23.81
C LYS D 117 -7.95 13.57 24.30
N GLU D 118 -8.01 14.03 25.55
CA GLU D 118 -6.88 14.75 26.14
C GLU D 118 -5.73 13.79 26.42
N LEU D 119 -6.05 12.50 26.50
CA LEU D 119 -5.06 11.47 26.78
C LEU D 119 -4.47 10.93 25.48
N GLY D 120 -3.18 10.58 25.52
CA GLY D 120 -2.49 10.12 24.33
C GLY D 120 -2.04 8.67 24.39
N THR D 121 -0.96 8.37 23.68
CA THR D 121 -0.53 7.00 23.44
C THR D 121 -0.04 6.24 24.68
N ARG D 122 0.38 6.96 25.72
CA ARG D 122 0.79 6.33 26.97
C ARG D 122 -0.42 5.65 27.61
N HIS D 123 -1.46 6.45 27.83
CA HIS D 123 -2.70 5.97 28.43
C HIS D 123 -3.37 4.93 27.56
N ARG D 124 -3.26 5.11 26.23
CA ARG D 124 -3.86 4.16 25.30
C ARG D 124 -3.14 2.82 25.35
N ALA D 125 -1.81 2.87 25.53
CA ALA D 125 -1.02 1.66 25.68
C ALA D 125 -1.38 0.93 26.96
N ALA D 126 -1.47 1.68 28.05
CA ALA D 126 -1.89 1.14 29.34
C ALA D 126 -3.24 0.46 29.22
N LEU D 127 -4.16 1.13 28.57
CA LEU D 127 -5.51 0.61 28.35
C LEU D 127 -5.46 -0.70 27.58
N GLY D 128 -4.70 -0.73 26.49
CA GLY D 128 -4.57 -1.92 25.68
C GLY D 128 -4.04 -3.12 26.47
N ILE D 129 -2.94 -2.91 27.17
CA ILE D 129 -2.36 -3.99 27.96
C ILE D 129 -3.33 -4.43 29.07
N SER D 130 -4.14 -3.50 29.55
CA SER D 130 -5.16 -3.83 30.54
C SER D 130 -6.27 -4.65 29.92
N GLU D 131 -6.44 -4.49 28.60
CA GLU D 131 -7.49 -5.20 27.88
C GLU D 131 -7.10 -6.63 27.56
N VAL D 132 -5.83 -6.85 27.23
CA VAL D 132 -5.40 -8.21 26.87
C VAL D 132 -4.70 -8.99 27.99
N THR D 133 -4.45 -8.33 29.12
CA THR D 133 -3.92 -9.02 30.30
C THR D 133 -4.65 -8.55 31.56
N ASP D 134 -4.29 -9.15 32.69
CA ASP D 134 -4.83 -8.76 33.98
C ASP D 134 -3.73 -8.13 34.82
N SER D 135 -2.86 -7.39 34.14
CA SER D 135 -1.77 -6.68 34.81
C SER D 135 -2.24 -5.29 35.23
N ILE D 136 -1.67 -4.79 36.33
CA ILE D 136 -1.97 -3.43 36.76
C ILE D 136 -0.98 -2.48 36.13
N THR D 137 -1.48 -1.42 35.50
CA THR D 137 -0.57 -0.47 34.85
C THR D 137 -0.79 0.96 35.37
N ILE D 138 0.31 1.65 35.65
CA ILE D 138 0.26 3.01 36.18
C ILE D 138 0.88 3.97 35.18
N VAL D 139 0.21 5.09 34.94
CA VAL D 139 0.68 6.07 33.98
C VAL D 139 0.84 7.44 34.62
N VAL D 140 1.96 8.09 34.33
CA VAL D 140 2.16 9.48 34.74
C VAL D 140 2.20 10.36 33.50
N SER D 141 1.27 11.30 33.44
CA SER D 141 1.15 12.21 32.30
C SER D 141 2.27 13.25 32.28
N GLU D 142 2.98 13.31 31.16
CA GLU D 142 4.03 14.30 30.96
C GLU D 142 3.42 15.69 30.88
N GLU D 143 2.16 15.78 30.49
CA GLU D 143 1.49 17.05 30.27
C GLU D 143 0.90 17.65 31.55
N THR D 144 0.14 16.84 32.28
CA THR D 144 -0.61 17.34 33.43
C THR D 144 -0.03 16.90 34.78
N GLY D 145 0.81 15.89 34.76
CA GLY D 145 1.34 15.32 35.99
C GLY D 145 0.33 14.44 36.68
N GLY D 146 -0.81 14.24 36.02
CA GLY D 146 -1.86 13.40 36.55
C GLY D 146 -1.47 11.93 36.51
N ILE D 147 -1.87 11.20 37.54
CA ILE D 147 -1.58 9.78 37.60
C ILE D 147 -2.84 8.98 37.31
N SER D 148 -2.70 7.98 36.43
CA SER D 148 -3.83 7.15 36.05
C SER D 148 -3.47 5.69 36.21
N LEU D 149 -4.48 4.82 36.20
CA LEU D 149 -4.24 3.40 36.40
C LEU D 149 -5.19 2.58 35.53
N THR D 150 -4.71 1.47 35.00
CA THR D 150 -5.53 0.61 34.17
C THR D 150 -5.47 -0.84 34.61
N LYS D 151 -6.65 -1.46 34.65
CA LYS D 151 -6.80 -2.89 34.85
C LYS D 151 -8.13 -3.31 34.23
N GLY D 152 -8.16 -4.53 33.69
CA GLY D 152 -9.37 -5.10 33.13
C GLY D 152 -10.11 -4.26 32.10
N GLY D 153 -9.37 -3.45 31.36
CA GLY D 153 -9.95 -2.63 30.31
C GLY D 153 -10.61 -1.37 30.83
N GLU D 154 -10.35 -1.04 32.09
CA GLU D 154 -10.86 0.19 32.68
C GLU D 154 -9.73 1.16 32.99
N LEU D 155 -10.01 2.45 32.88
CA LEU D 155 -9.02 3.47 33.23
C LEU D 155 -9.53 4.38 34.33
N PHE D 156 -8.76 4.47 35.41
CA PHE D 156 -9.05 5.35 36.52
C PHE D 156 -8.11 6.53 36.40
N ARG D 157 -8.67 7.71 36.13
CA ARG D 157 -7.89 8.86 35.72
C ARG D 157 -7.62 9.85 36.86
N ASP D 158 -6.43 10.44 36.85
CA ASP D 158 -6.05 11.49 37.80
C ASP D 158 -6.34 11.07 39.23
N VAL D 159 -6.01 9.82 39.52
CA VAL D 159 -6.23 9.21 40.81
C VAL D 159 -5.41 9.92 41.89
N SER D 160 -5.94 9.98 43.11
CA SER D 160 -5.23 10.58 44.23
C SER D 160 -4.34 9.54 44.90
N GLU D 161 -3.36 10.01 45.66
CA GLU D 161 -2.41 9.12 46.33
C GLU D 161 -3.09 8.06 47.17
N GLU D 162 -4.12 8.44 47.91
CA GLU D 162 -4.85 7.50 48.73
C GLU D 162 -5.58 6.48 47.86
N GLU D 163 -6.19 6.96 46.78
CA GLU D 163 -6.84 6.07 45.82
C GLU D 163 -5.83 5.14 45.18
N LEU D 164 -4.69 5.68 44.77
CA LEU D 164 -3.62 4.88 44.18
C LEU D 164 -3.16 3.79 45.13
N HIS D 165 -2.91 4.18 46.38
CA HIS D 165 -2.45 3.24 47.39
C HIS D 165 -3.47 2.15 47.66
N LYS D 166 -4.75 2.53 47.69
CA LYS D 166 -5.83 1.59 47.97
C LYS D 166 -5.90 0.50 46.90
N ILE D 167 -5.81 0.90 45.65
CA ILE D 167 -5.87 -0.03 44.52
C ILE D 167 -4.66 -0.96 44.48
N LEU D 168 -3.47 -0.37 44.52
CA LEU D 168 -2.22 -1.13 44.49
C LEU D 168 -2.18 -2.16 45.62
N LEU D 169 -2.64 -1.75 46.80
CA LEU D 169 -2.70 -2.63 47.95
C LEU D 169 -3.63 -3.81 47.69
N LYS D 170 -4.80 -3.52 47.14
CA LYS D 170 -5.80 -4.53 46.88
C LYS D 170 -5.37 -5.49 45.77
N GLU D 171 -4.77 -4.95 44.72
CA GLU D 171 -4.52 -5.70 43.50
C GLU D 171 -3.16 -6.41 43.45
N LEU D 172 -2.22 -5.99 44.29
CA LEU D 172 -0.87 -6.50 44.18
C LEU D 172 -0.37 -7.28 45.40
N VAL D 173 -1.00 -7.10 46.56
CA VAL D 173 -0.66 -7.94 47.70
C VAL D 173 -1.61 -9.13 47.78
N THR D 174 -1.07 -10.29 48.15
CA THR D 174 -1.83 -11.53 48.14
C THR D 174 -2.82 -11.59 49.31
PG ATP E . 4.95 10.72 -22.11
O1G ATP E . 4.96 12.24 -22.10
O2G ATP E . 4.91 10.10 -20.74
O3G ATP E . 5.93 10.10 -23.08
PB ATP E . 3.02 11.18 -24.02
O1B ATP E . 4.19 11.39 -24.96
O2B ATP E . 2.26 12.38 -23.50
O3B ATP E . 3.52 10.35 -22.75
PA ATP E . 2.36 8.72 -25.22
O1A ATP E . 1.47 8.33 -26.37
O2A ATP E . 3.86 8.61 -25.38
O3A ATP E . 1.96 10.20 -24.74
O5' ATP E . 1.87 7.87 -23.95
C5' ATP E . 2.02 6.46 -23.90
C4' ATP E . 1.24 5.93 -22.71
O4' ATP E . 0.13 6.79 -22.40
C3' ATP E . 0.65 4.56 -22.99
O3' ATP E . 1.48 3.54 -22.43
C2' ATP E . -0.72 4.57 -22.34
O2' ATP E . -0.71 3.74 -21.17
C1' ATP E . -0.98 6.01 -21.93
N9 ATP E . -2.23 6.46 -22.60
C8 ATP E . -2.32 6.94 -23.85
N7 ATP E . -3.59 7.26 -24.18
C5 ATP E . -4.36 6.97 -23.11
C6 ATP E . -5.81 7.05 -22.79
N6 ATP E . -6.70 7.53 -23.69
N1 ATP E . -6.20 6.64 -21.56
C2 ATP E . -5.31 6.17 -20.66
N3 ATP E . -3.99 6.07 -20.88
C4 ATP E . -3.46 6.44 -22.07
MG MG F . 5.07 9.83 -26.60
O1 HEZ G . -13.26 17.78 -2.98
C1 HEZ G . -13.23 16.39 -2.77
C2 HEZ G . -11.87 15.86 -3.18
C3 HEZ G . -11.18 15.09 -2.07
C4 HEZ G . -10.58 13.80 -2.57
C5 HEZ G . -11.59 12.95 -3.28
C6 HEZ G . -10.97 12.01 -4.29
O6 HEZ G . -11.98 11.54 -5.14
PG ATP H . 3.74 -10.76 3.58
O1G ATP H . 4.55 -12.02 3.47
O2G ATP H . 4.14 -9.88 4.74
O3G ATP H . 2.25 -10.94 3.41
PB ATP H . 4.37 -10.62 0.87
O1B ATP H . 3.36 -11.74 0.77
O2B ATP H . 5.83 -10.93 0.73
O3B ATP H . 4.18 -9.90 2.30
PA ATP H . 2.51 -8.81 -0.17
O1A ATP H . 2.23 -8.30 -1.56
O2A ATP H . 1.54 -9.77 0.48
O3A ATP H . 3.99 -9.46 -0.17
O5' ATP H . 2.68 -7.53 0.80
C5' ATP H . 1.86 -6.38 0.62
C4' ATP H . 2.32 -5.27 1.55
O4' ATP H . 3.73 -5.09 1.47
C3' ATP H . 1.66 -3.94 1.20
O3' ATP H . 0.63 -3.62 2.14
C2' ATP H . 2.78 -2.91 1.27
O2' ATP H . 2.63 -2.11 2.44
C1' ATP H . 4.08 -3.70 1.35
N9 ATP H . 4.84 -3.51 0.09
C8 ATP H . 4.80 -4.36 -0.95
N7 ATP H . 5.58 -3.93 -1.97
C5 ATP H . 6.17 -2.78 -1.57
C6 ATP H . 7.12 -1.81 -2.17
N6 ATP H . 7.62 -2.00 -3.41
N1 ATP H . 7.47 -0.75 -1.42
C2 ATP H . 6.98 -0.56 -0.18
N3 ATP H . 6.11 -1.40 0.42
C4 ATP H . 5.68 -2.51 -0.21
MG MG I . 1.61 -12.55 -0.47
PG ATP J . -23.84 -0.62 -36.12
O1G ATP J . -25.05 -1.41 -35.65
O2G ATP J . -22.71 -0.58 -35.12
O3G ATP J . -24.16 0.70 -36.77
PB ATP J . -24.26 -2.29 -38.29
O1B ATP J . -25.53 -1.47 -38.45
O2B ATP J . -24.35 -3.71 -37.79
O3B ATP J . -23.25 -1.50 -37.32
PA ATP J . -23.04 -0.92 -40.41
O1A ATP J . -22.99 -1.17 -41.89
O2A ATP J . -23.89 0.21 -39.88
O3A ATP J . -23.48 -2.30 -39.69
O5' ATP J . -21.53 -0.72 -39.88
C5' ATP J . -20.51 -0.25 -40.77
C4' ATP J . -19.14 -0.27 -40.10
O4' ATP J . -18.77 -1.60 -39.77
C3' ATP J . -18.08 0.28 -41.05
O3' ATP J . -17.60 1.55 -40.59
C2' ATP J . -16.95 -0.74 -41.04
O2' ATP J . -15.78 -0.18 -40.41
C1' ATP J . -17.45 -1.92 -40.23
N9 ATP J . -17.56 -3.11 -41.12
C8 ATP J . -18.67 -3.44 -41.80
N7 ATP J . -18.49 -4.56 -42.53
C5 ATP J . -17.22 -4.97 -42.34
C6 ATP J . -16.38 -6.08 -42.83
N6 ATP J . -16.87 -7.01 -43.69
N1 ATP J . -15.10 -6.14 -42.39
C2 ATP J . -14.60 -5.22 -41.53
N3 ATP J . -15.31 -4.19 -41.06
C4 ATP J . -16.61 -4.00 -41.41
MG MG K . -25.55 0.83 -38.83
PG ATP L . 1.79 12.00 28.26
O1G ATP L . 0.42 12.15 28.87
O2G ATP L . 2.83 11.45 29.21
O3G ATP L . 2.24 13.17 27.42
PB ATP L . 0.31 10.83 26.24
O1B ATP L . -0.02 12.27 25.86
O2B ATP L . -0.74 9.98 26.91
O3B ATP L . 1.60 10.83 27.18
PA ATP L . 2.09 10.60 24.08
O1A ATP L . 1.94 10.10 22.67
O2A ATP L . 2.27 12.08 24.32
O3A ATP L . 0.83 10.07 24.93
O5' ATP L . 3.31 9.79 24.79
C5' ATP L . 4.41 9.33 24.02
C4' ATP L . 5.29 8.43 24.88
O4' ATP L . 4.56 7.29 25.34
C3' ATP L . 6.49 7.92 24.09
O3' ATP L . 7.70 8.51 24.59
C2' ATP L . 6.52 6.42 24.29
O2' ATP L . 7.72 6.04 24.99
C1' ATP L . 5.30 6.08 25.13
N9 ATP L . 4.45 5.13 24.37
C8 ATP L . 3.44 5.49 23.55
N7 ATP L . 2.84 4.41 22.99
C5 ATP L . 3.47 3.31 23.46
C6 ATP L . 3.34 1.85 23.26
N6 ATP L . 2.39 1.33 22.45
N1 ATP L . 4.20 1.05 23.94
C2 ATP L . 5.14 1.55 24.75
N3 ATP L . 5.31 2.87 24.98
C4 ATP L . 4.54 3.79 24.37
MG MG M . 1.23 13.74 24.76
#